data_5RM9
#
_entry.id   5RM9
#
_cell.length_a   59.092
_cell.length_b   70.011
_cell.length_c   85.779
_cell.angle_alpha   102.720
_cell.angle_beta   96.480
_cell.angle_gamma   112.210
#
_symmetry.space_group_name_H-M   'P 1'
#
loop_
_entity.id
_entity.type
_entity.pdbx_description
1 polymer Helicase
2 non-polymer 'ZINC ION'
3 non-polymer 'PHOSPHATE ION'
4 non-polymer ~{N}-(4-fluorophenyl)-2-pyrrolidin-1-yl-ethanamide
5 water water
#
_entity_poly.entity_id   1
_entity_poly.type   'polypeptide(L)'
_entity_poly.pdbx_seq_one_letter_code
;AVGACVLCNSQTSLRCGACIRRPFLCCKCCYDHVISTSHKLVLSVNPYVCNAPGCDVTDVTQLYLGGMSYYCKSHKPPIS
FPLCANGQVFGLYKNTCVGSDNVTDFNAIATCDWTNAGDYILANTCTERLKLFAAETLKATEETFKLSYGIATVREVLSD
RELHLSWEVGKPRPPLNRNYVFTGYRVTKNSKVQIGEYTFEKGDYGDAVVYRGTTTYKLNVGDYFVLTSHTVMPLSAPTL
VPQEHYVRITGLYPTLNISDEFSSNVANYQKVGMQKYSTLQGPPGTGKSHFAIGLALYYPSARIVYTACSHAAVDALCEK
ALKYLPIDKCSRIIPARARVECFDKFKVNSTLEQYVFCTVNALPETTADIVVFDEISMATNYDLSVVNARLRAKHYVYIG
DPAQLPAPRTLLTKGTLEPEYFNSVCRLMKTIGPDMFLGTCRRCPAEIVDTVSALVYDNKLKAHKDKSAQCFKMFYKGVI
THDVSSAINRPQIGVVREFLTRNPAWRKAVFISPYNSQNAVASKILGLPTQTVDSSQGSEYDYVIFTQTTETAHSCNVNR
FNVAITRAKVGILCIMSDRDLYDKLQFTSLEIPRRNVATLQ
;
_entity_poly.pdbx_strand_id   A,B
#
loop_
_chem_comp.id
_chem_comp.type
_chem_comp.name
_chem_comp.formula
EJQ non-polymer ~{N}-(4-fluorophenyl)-2-pyrrolidin-1-yl-ethanamide 'C12 H15 F N2 O'
PO4 non-polymer 'PHOSPHATE ION' 'O4 P -3'
ZN non-polymer 'ZINC ION' 'Zn 2'
#
# COMPACT_ATOMS: atom_id res chain seq x y z
N ALA A 1 21.19 -15.27 7.17
CA ALA A 1 22.04 -16.17 6.39
C ALA A 1 21.56 -17.64 6.40
N VAL A 2 20.57 -17.98 7.25
CA VAL A 2 20.00 -19.32 7.28
C VAL A 2 18.98 -19.35 6.14
N GLY A 3 19.11 -20.32 5.24
CA GLY A 3 18.19 -20.43 4.13
C GLY A 3 17.96 -21.82 3.58
N ALA A 4 17.10 -21.90 2.56
CA ALA A 4 16.73 -23.15 1.91
C ALA A 4 17.08 -23.12 0.42
N CYS A 5 17.81 -24.17 -0.03
CA CYS A 5 18.31 -24.36 -1.40
C CYS A 5 17.25 -24.12 -2.45
N VAL A 6 17.57 -23.31 -3.49
CA VAL A 6 16.61 -23.06 -4.57
C VAL A 6 16.43 -24.31 -5.43
N LEU A 7 17.44 -25.20 -5.55
CA LEU A 7 17.33 -26.42 -6.36
C LEU A 7 16.80 -27.68 -5.64
N CYS A 8 17.02 -27.81 -4.31
CA CYS A 8 16.62 -29.01 -3.57
C CYS A 8 15.89 -28.75 -2.27
N ASN A 9 15.80 -27.48 -1.83
CA ASN A 9 15.18 -27.07 -0.56
C ASN A 9 16.00 -27.44 0.68
N SER A 10 17.10 -28.25 0.52
CA SER A 10 17.98 -28.66 1.62
C SER A 10 18.54 -27.42 2.34
N GLN A 11 18.39 -27.34 3.66
CA GLN A 11 18.86 -26.16 4.40
C GLN A 11 20.39 -25.94 4.20
N THR A 12 20.81 -24.67 4.17
CA THR A 12 22.22 -24.25 4.03
C THR A 12 22.43 -22.79 4.47
N SER A 13 23.70 -22.42 4.69
CA SER A 13 24.15 -21.06 4.95
C SER A 13 24.73 -20.47 3.61
N LEU A 14 25.12 -21.34 2.63
CA LEU A 14 25.68 -21.01 1.32
C LEU A 14 24.70 -20.26 0.38
N ARG A 15 25.09 -19.07 -0.08
CA ARG A 15 24.38 -18.23 -1.06
C ARG A 15 25.39 -17.97 -2.16
N CYS A 16 24.94 -17.95 -3.44
CA CYS A 16 25.88 -17.57 -4.49
C CYS A 16 25.97 -16.03 -4.49
N GLY A 17 27.15 -15.49 -4.26
CA GLY A 17 27.35 -14.04 -4.26
C GLY A 17 27.53 -13.49 -5.66
N ALA A 18 27.71 -14.40 -6.66
CA ALA A 18 27.88 -14.07 -8.08
C ALA A 18 26.54 -14.01 -8.86
N CYS A 19 25.48 -14.58 -8.29
CA CYS A 19 24.12 -14.51 -8.77
C CYS A 19 23.56 -13.17 -8.38
N ILE A 20 22.89 -12.46 -9.31
CA ILE A 20 22.26 -11.14 -9.06
C ILE A 20 21.22 -11.22 -7.92
N ARG A 21 20.61 -12.41 -7.71
CA ARG A 21 19.61 -12.58 -6.66
C ARG A 21 20.11 -13.31 -5.38
N ARG A 22 21.42 -13.70 -5.34
CA ARG A 22 22.07 -14.39 -4.22
C ARG A 22 21.27 -15.58 -3.63
N PRO A 23 20.92 -16.56 -4.46
CA PRO A 23 20.13 -17.69 -3.97
C PRO A 23 20.87 -18.63 -3.04
N PHE A 24 20.12 -19.20 -2.08
CA PHE A 24 20.63 -20.20 -1.17
C PHE A 24 20.86 -21.48 -2.00
N LEU A 25 22.06 -22.04 -1.91
CA LEU A 25 22.47 -23.25 -2.61
C LEU A 25 23.06 -24.22 -1.61
N CYS A 26 22.62 -25.48 -1.65
CA CYS A 26 23.13 -26.49 -0.73
C CYS A 26 24.57 -26.91 -1.07
N CYS A 27 25.23 -27.70 -0.21
CA CYS A 27 26.60 -28.16 -0.46
C CYS A 27 26.79 -28.85 -1.84
N LYS A 28 25.98 -29.86 -2.17
CA LYS A 28 26.13 -30.58 -3.42
C LYS A 28 25.75 -29.78 -4.66
N CYS A 29 24.85 -28.78 -4.50
CA CYS A 29 24.34 -27.95 -5.60
C CYS A 29 25.12 -26.63 -5.81
N CYS A 30 25.65 -26.04 -4.72
CA CYS A 30 26.54 -24.91 -4.77
C CYS A 30 27.84 -25.31 -5.55
N TYR A 31 28.32 -26.54 -5.31
CA TYR A 31 29.46 -27.09 -6.01
C TYR A 31 29.19 -27.20 -7.50
N ASP A 32 28.06 -27.84 -7.88
CA ASP A 32 27.74 -28.02 -9.30
C ASP A 32 27.57 -26.70 -10.02
N HIS A 33 27.16 -25.64 -9.32
CA HIS A 33 27.04 -24.28 -9.89
C HIS A 33 28.44 -23.63 -10.04
N VAL A 34 29.27 -23.60 -8.97
CA VAL A 34 30.58 -22.96 -9.03
C VAL A 34 31.56 -23.67 -9.96
N ILE A 35 31.51 -25.00 -10.08
CA ILE A 35 32.44 -25.71 -10.97
C ILE A 35 32.03 -25.67 -12.46
N SER A 36 30.77 -25.30 -12.75
CA SER A 36 30.29 -25.27 -14.13
C SER A 36 30.09 -23.86 -14.69
N THR A 37 30.13 -22.82 -13.84
CA THR A 37 29.93 -21.45 -14.31
C THR A 37 31.13 -20.54 -13.94
N SER A 38 31.10 -19.25 -14.38
CA SER A 38 32.06 -18.22 -13.99
C SER A 38 31.77 -17.73 -12.53
N HIS A 39 30.70 -18.26 -11.88
CA HIS A 39 30.32 -17.85 -10.54
C HIS A 39 31.17 -18.57 -9.50
N LYS A 40 32.05 -17.84 -8.81
CA LYS A 40 32.93 -18.46 -7.82
C LYS A 40 32.82 -17.88 -6.42
N LEU A 41 32.13 -16.74 -6.24
CA LEU A 41 31.93 -16.16 -4.91
C LEU A 41 30.82 -16.89 -4.16
N VAL A 42 31.15 -17.51 -3.03
CA VAL A 42 30.18 -18.21 -2.18
C VAL A 42 30.04 -17.42 -0.85
N LEU A 43 28.80 -17.07 -0.46
CA LEU A 43 28.48 -16.31 0.76
C LEU A 43 27.87 -17.22 1.87
N SER A 44 27.86 -16.73 3.11
CA SER A 44 27.40 -17.38 4.35
C SER A 44 27.33 -16.21 5.39
N VAL A 45 27.59 -16.45 6.71
CA VAL A 45 27.68 -15.37 7.73
C VAL A 45 28.83 -14.41 7.28
N ASN A 46 29.93 -15.03 6.86
CA ASN A 46 31.17 -14.47 6.38
C ASN A 46 31.37 -15.03 4.96
N PRO A 47 31.78 -14.18 4.02
CA PRO A 47 32.03 -14.69 2.66
C PRO A 47 33.22 -15.65 2.59
N TYR A 48 33.24 -16.49 1.57
CA TYR A 48 34.34 -17.40 1.35
C TYR A 48 35.34 -16.64 0.54
N VAL A 49 36.25 -15.98 1.27
CA VAL A 49 37.30 -15.14 0.75
C VAL A 49 38.54 -15.36 1.63
N CYS A 50 39.76 -15.21 1.06
CA CYS A 50 40.98 -15.40 1.82
C CYS A 50 41.12 -14.39 2.95
N ASN A 51 41.29 -14.93 4.16
CA ASN A 51 41.42 -14.14 5.39
C ASN A 51 42.81 -13.52 5.54
N ALA A 52 43.84 -14.01 4.79
CA ALA A 52 45.19 -13.46 4.85
C ALA A 52 45.16 -11.99 4.45
N PRO A 53 45.84 -11.10 5.20
CA PRO A 53 45.78 -9.67 4.91
C PRO A 53 46.19 -9.26 3.48
N GLY A 54 45.34 -8.45 2.84
CA GLY A 54 45.57 -7.94 1.49
C GLY A 54 45.47 -8.95 0.37
N CYS A 55 44.95 -10.15 0.66
CA CYS A 55 44.80 -11.16 -0.37
C CYS A 55 43.44 -11.02 -1.01
N ASP A 56 43.39 -11.10 -2.36
CA ASP A 56 42.14 -10.96 -3.08
C ASP A 56 41.58 -12.28 -3.66
N VAL A 57 41.90 -13.45 -3.06
CA VAL A 57 41.33 -14.71 -3.54
C VAL A 57 39.91 -14.89 -3.00
N THR A 58 38.90 -14.81 -3.92
CA THR A 58 37.45 -14.94 -3.66
C THR A 58 36.84 -16.22 -4.28
N ASP A 59 37.58 -16.90 -5.17
CA ASP A 59 37.17 -18.11 -5.85
C ASP A 59 37.18 -19.28 -4.87
N VAL A 60 36.00 -19.88 -4.60
CA VAL A 60 35.76 -21.01 -3.67
C VAL A 60 36.59 -22.27 -4.02
N THR A 61 36.89 -22.46 -5.31
CA THR A 61 37.68 -23.60 -5.80
C THR A 61 39.18 -23.46 -5.47
N GLN A 62 39.64 -22.21 -5.24
CA GLN A 62 41.01 -21.86 -4.88
C GLN A 62 41.09 -21.48 -3.40
N LEU A 63 40.11 -21.91 -2.54
CA LEU A 63 40.08 -21.61 -1.11
C LEU A 63 39.96 -22.87 -0.24
N TYR A 64 40.41 -22.76 1.03
CA TYR A 64 40.47 -23.82 2.02
C TYR A 64 40.03 -23.34 3.41
N LEU A 65 39.69 -24.29 4.31
CA LEU A 65 39.30 -24.07 5.72
C LEU A 65 40.53 -24.30 6.65
N GLY A 66 41.06 -23.21 7.21
CA GLY A 66 42.19 -23.25 8.15
C GLY A 66 41.70 -22.98 9.55
N GLY A 67 41.23 -24.03 10.20
CA GLY A 67 40.63 -23.94 11.53
C GLY A 67 39.18 -23.50 11.41
N MET A 68 38.95 -22.20 11.60
CA MET A 68 37.62 -21.60 11.48
C MET A 68 37.55 -20.55 10.35
N SER A 69 38.71 -20.06 9.87
CA SER A 69 38.84 -19.05 8.81
C SER A 69 39.09 -19.70 7.44
N TYR A 70 39.07 -18.90 6.36
CA TYR A 70 39.26 -19.41 5.01
C TYR A 70 40.50 -18.77 4.42
N TYR A 71 41.31 -19.53 3.67
CA TYR A 71 42.56 -19.05 3.05
C TYR A 71 42.78 -19.67 1.69
N CYS A 72 43.53 -19.00 0.81
CA CYS A 72 43.86 -19.56 -0.51
C CYS A 72 45.03 -20.59 -0.44
N LYS A 73 45.46 -21.13 -1.59
CA LYS A 73 46.56 -22.10 -1.67
C LYS A 73 47.91 -21.50 -1.22
N SER A 74 48.08 -20.15 -1.34
CA SER A 74 49.30 -19.43 -0.95
C SER A 74 49.34 -19.06 0.54
N HIS A 75 48.18 -19.00 1.21
CA HIS A 75 48.12 -18.57 2.60
C HIS A 75 47.57 -19.60 3.56
N LYS A 76 47.15 -20.79 3.08
CA LYS A 76 46.55 -21.79 3.96
C LYS A 76 47.54 -22.40 4.95
N PRO A 77 47.07 -22.72 6.18
CA PRO A 77 47.96 -23.41 7.13
C PRO A 77 48.17 -24.89 6.75
N PRO A 78 49.19 -25.60 7.29
CA PRO A 78 49.36 -27.03 6.93
C PRO A 78 48.09 -27.88 7.14
N ILE A 79 47.37 -27.64 8.26
CA ILE A 79 46.14 -28.37 8.52
C ILE A 79 44.95 -27.54 7.99
N SER A 80 44.62 -27.78 6.70
CA SER A 80 43.55 -27.12 5.98
C SER A 80 42.89 -28.05 4.92
N PHE A 81 41.59 -27.87 4.79
CA PHE A 81 40.66 -28.65 3.99
C PHE A 81 40.13 -27.85 2.79
N PRO A 82 40.18 -28.33 1.51
CA PRO A 82 39.59 -27.52 0.43
C PRO A 82 38.08 -27.37 0.56
N LEU A 83 37.57 -26.15 0.32
CA LEU A 83 36.12 -25.89 0.38
C LEU A 83 35.41 -26.72 -0.73
N CYS A 84 36.08 -26.95 -1.88
CA CYS A 84 35.53 -27.73 -2.98
C CYS A 84 36.17 -29.11 -3.10
N ALA A 85 35.43 -30.17 -2.74
CA ALA A 85 35.88 -31.57 -2.82
C ALA A 85 34.70 -32.53 -2.72
N ASN A 86 34.81 -33.72 -3.36
CA ASN A 86 33.77 -34.76 -3.37
C ASN A 86 32.38 -34.24 -3.77
N GLY A 87 32.34 -33.33 -4.74
CA GLY A 87 31.11 -32.76 -5.25
C GLY A 87 30.37 -31.85 -4.28
N GLN A 88 31.07 -31.31 -3.27
CA GLN A 88 30.43 -30.45 -2.28
C GLN A 88 31.24 -29.21 -1.92
N VAL A 89 30.55 -28.14 -1.51
CA VAL A 89 31.15 -26.89 -1.03
C VAL A 89 30.96 -26.93 0.48
N PHE A 90 32.04 -26.77 1.26
CA PHE A 90 31.95 -26.83 2.72
C PHE A 90 30.97 -25.81 3.27
N GLY A 91 29.99 -26.31 4.00
CA GLY A 91 28.98 -25.48 4.63
C GLY A 91 28.23 -26.25 5.68
N LEU A 92 27.32 -25.56 6.38
CA LEU A 92 26.50 -26.22 7.39
C LEU A 92 25.48 -27.17 6.75
N TYR A 93 25.00 -28.14 7.53
CA TYR A 93 23.97 -29.11 7.12
C TYR A 93 24.43 -29.97 5.94
N LYS A 94 25.74 -30.28 5.86
CA LYS A 94 26.34 -31.07 4.79
C LYS A 94 25.87 -32.53 4.74
N VAL A 103 20.43 -28.93 -12.28
CA VAL A 103 21.38 -27.85 -12.00
C VAL A 103 21.85 -27.20 -13.30
N THR A 104 21.93 -27.95 -14.42
CA THR A 104 22.22 -27.41 -15.77
C THR A 104 21.25 -26.24 -16.12
N ASP A 105 19.98 -26.39 -15.74
CA ASP A 105 18.97 -25.35 -15.95
C ASP A 105 19.23 -24.14 -15.04
N PHE A 106 19.54 -24.38 -13.77
CA PHE A 106 19.82 -23.31 -12.82
C PHE A 106 21.01 -22.47 -13.29
N ASN A 107 22.04 -23.14 -13.83
CA ASN A 107 23.25 -22.45 -14.30
C ASN A 107 22.92 -21.49 -15.43
N ALA A 108 22.08 -21.95 -16.37
CA ALA A 108 21.67 -21.14 -17.50
C ALA A 108 20.78 -19.95 -17.08
N ILE A 109 19.90 -20.13 -16.08
CA ILE A 109 19.08 -19.01 -15.60
C ILE A 109 19.97 -17.96 -14.86
N ALA A 110 20.93 -18.44 -14.05
CA ALA A 110 21.85 -17.62 -13.25
C ALA A 110 22.80 -16.76 -14.08
N THR A 111 23.28 -17.29 -15.21
CA THR A 111 24.28 -16.64 -16.06
C THR A 111 23.77 -15.92 -17.34
N CYS A 112 22.58 -16.27 -17.83
CA CYS A 112 22.07 -15.66 -19.05
C CYS A 112 21.80 -14.13 -18.92
N ASP A 113 21.88 -13.41 -20.07
CA ASP A 113 21.63 -11.98 -20.14
C ASP A 113 20.14 -11.60 -20.47
N TRP A 114 19.26 -12.62 -20.71
CA TRP A 114 17.84 -12.47 -21.01
C TRP A 114 17.56 -11.79 -22.35
N THR A 115 18.52 -11.82 -23.29
CA THR A 115 18.34 -11.20 -24.60
C THR A 115 17.85 -12.21 -25.65
N ASN A 116 17.90 -13.54 -25.35
CA ASN A 116 17.52 -14.61 -26.27
C ASN A 116 16.19 -15.22 -25.86
N ALA A 117 15.44 -15.75 -26.84
CA ALA A 117 14.15 -16.41 -26.57
C ALA A 117 14.34 -17.67 -25.73
N GLY A 118 15.43 -18.41 -25.98
CA GLY A 118 15.77 -19.63 -25.26
C GLY A 118 15.89 -19.48 -23.76
N ASP A 119 16.18 -18.25 -23.28
CA ASP A 119 16.26 -17.90 -21.85
C ASP A 119 14.88 -17.89 -21.20
N TYR A 120 13.88 -17.41 -21.96
CA TYR A 120 12.51 -17.36 -21.54
C TYR A 120 11.85 -18.73 -21.65
N ILE A 121 12.29 -19.56 -22.64
CA ILE A 121 11.81 -20.92 -22.83
C ILE A 121 12.19 -21.72 -21.59
N LEU A 122 13.47 -21.63 -21.21
CA LEU A 122 14.01 -22.28 -20.05
C LEU A 122 13.31 -21.84 -18.79
N ALA A 123 13.11 -20.52 -18.59
CA ALA A 123 12.41 -19.97 -17.40
C ALA A 123 10.95 -20.46 -17.24
N ASN A 124 10.41 -21.13 -18.24
CA ASN A 124 9.03 -21.61 -18.25
C ASN A 124 8.90 -23.14 -18.33
N THR A 125 9.99 -23.82 -18.67
CA THR A 125 10.00 -25.28 -18.70
C THR A 125 10.73 -25.89 -17.51
N CYS A 126 11.36 -25.06 -16.66
CA CYS A 126 12.11 -25.50 -15.49
C CYS A 126 11.16 -25.86 -14.28
N THR A 127 11.71 -26.31 -13.15
CA THR A 127 10.92 -26.61 -11.96
C THR A 127 10.26 -25.33 -11.43
N GLU A 128 9.29 -25.49 -10.52
CA GLU A 128 8.59 -24.35 -9.96
C GLU A 128 9.50 -23.36 -9.19
N ARG A 129 10.45 -23.86 -8.34
CA ARG A 129 11.34 -22.91 -7.65
C ARG A 129 12.24 -22.19 -8.66
N LEU A 130 12.65 -22.88 -9.74
CA LEU A 130 13.47 -22.26 -10.79
C LEU A 130 12.71 -21.23 -11.64
N LYS A 131 11.37 -21.35 -11.70
CA LYS A 131 10.53 -20.41 -12.38
C LYS A 131 10.54 -19.10 -11.58
N LEU A 132 10.49 -19.17 -10.23
CA LEU A 132 10.53 -17.96 -9.40
C LEU A 132 11.90 -17.30 -9.43
N PHE A 133 12.97 -18.13 -9.42
CA PHE A 133 14.36 -17.70 -9.48
C PHE A 133 14.58 -16.97 -10.80
N ALA A 134 14.12 -17.58 -11.92
CA ALA A 134 14.20 -16.95 -13.24
C ALA A 134 13.44 -15.61 -13.29
N ALA A 135 12.23 -15.56 -12.72
CA ALA A 135 11.38 -14.36 -12.71
C ALA A 135 11.98 -13.18 -11.94
N GLU A 136 12.60 -13.50 -10.81
CA GLU A 136 13.26 -12.57 -9.91
C GLU A 136 14.54 -12.04 -10.60
N THR A 137 15.32 -12.96 -11.20
CA THR A 137 16.60 -12.68 -11.88
C THR A 137 16.36 -11.76 -13.08
N LEU A 138 15.35 -12.11 -13.91
CA LEU A 138 14.96 -11.38 -15.10
C LEU A 138 14.49 -9.99 -14.75
N LYS A 139 13.59 -9.85 -13.77
CA LYS A 139 13.08 -8.54 -13.43
C LYS A 139 14.18 -7.62 -12.89
N ALA A 140 15.09 -8.20 -12.07
CA ALA A 140 16.24 -7.46 -11.54
C ALA A 140 17.15 -7.01 -12.68
N THR A 141 17.37 -7.90 -13.67
CA THR A 141 18.19 -7.58 -14.85
C THR A 141 17.55 -6.43 -15.68
N GLU A 142 16.22 -6.51 -15.87
CA GLU A 142 15.42 -5.52 -16.59
C GLU A 142 15.48 -4.14 -15.93
N GLU A 143 15.55 -4.09 -14.57
CA GLU A 143 15.58 -2.83 -13.81
C GLU A 143 16.98 -2.20 -13.80
N THR A 144 18.05 -3.02 -13.73
CA THR A 144 19.42 -2.51 -13.84
C THR A 144 19.67 -1.98 -15.28
N PHE A 145 18.96 -2.56 -16.28
CA PHE A 145 19.08 -2.11 -17.66
C PHE A 145 18.52 -0.67 -17.88
N LYS A 146 17.61 -0.25 -17.00
CA LYS A 146 17.04 1.08 -17.07
C LYS A 146 18.09 2.17 -16.79
N LEU A 147 19.12 1.84 -15.99
CA LEU A 147 20.20 2.77 -15.63
C LEU A 147 21.09 3.12 -16.82
N SER A 148 21.23 2.18 -17.76
CA SER A 148 22.07 2.28 -18.97
C SER A 148 21.67 3.40 -19.95
N TYR A 149 20.43 3.87 -19.87
CA TYR A 149 19.90 4.93 -20.72
C TYR A 149 20.29 6.35 -20.26
N GLY A 150 20.34 7.26 -21.22
CA GLY A 150 20.70 8.67 -21.01
C GLY A 150 19.59 9.60 -20.56
N ILE A 151 19.93 10.50 -19.62
CA ILE A 151 19.00 11.48 -19.04
C ILE A 151 18.52 12.53 -20.07
N ALA A 152 17.21 12.75 -20.17
CA ALA A 152 16.66 13.76 -21.08
C ALA A 152 16.29 15.01 -20.30
N THR A 153 16.71 16.16 -20.79
CA THR A 153 16.47 17.43 -20.12
C THR A 153 15.63 18.32 -21.05
N VAL A 154 14.67 19.05 -20.48
CA VAL A 154 13.83 19.95 -21.28
C VAL A 154 14.68 21.11 -21.83
N ARG A 155 14.74 21.24 -23.16
CA ARG A 155 15.50 22.31 -23.80
C ARG A 155 14.60 23.52 -24.18
N GLU A 156 13.30 23.29 -24.55
CA GLU A 156 12.33 24.36 -24.88
C GLU A 156 10.85 23.86 -24.86
N VAL A 157 9.90 24.75 -24.48
CA VAL A 157 8.47 24.39 -24.41
C VAL A 157 7.64 25.32 -25.30
N LEU A 158 7.06 24.73 -26.37
CA LEU A 158 6.27 25.41 -27.40
C LEU A 158 4.80 25.65 -26.95
N SER A 159 4.12 24.59 -26.51
CA SER A 159 2.72 24.67 -26.15
C SER A 159 2.38 23.75 -24.93
N ASP A 160 1.11 23.30 -24.80
CA ASP A 160 0.62 22.42 -23.74
C ASP A 160 0.79 20.92 -24.05
N ARG A 161 1.08 20.56 -25.32
CA ARG A 161 1.27 19.16 -25.73
C ARG A 161 2.47 18.94 -26.68
N GLU A 162 3.43 19.89 -26.74
CA GLU A 162 4.61 19.73 -27.60
C GLU A 162 5.87 20.41 -27.02
N LEU A 163 7.00 19.66 -26.96
CA LEU A 163 8.26 20.25 -26.47
C LEU A 163 9.51 19.73 -27.26
N HIS A 164 10.73 20.17 -26.87
CA HIS A 164 12.00 19.75 -27.48
C HIS A 164 12.95 19.24 -26.36
N LEU A 165 13.57 18.05 -26.54
CA LEU A 165 14.44 17.47 -25.50
C LEU A 165 15.96 17.48 -25.83
N SER A 166 16.79 17.51 -24.78
CA SER A 166 18.25 17.52 -24.79
C SER A 166 18.73 16.20 -24.14
N TRP A 167 19.40 15.33 -24.91
CA TRP A 167 19.82 14.02 -24.39
C TRP A 167 21.26 13.93 -23.93
N GLU A 168 21.51 13.09 -22.91
CA GLU A 168 22.84 12.86 -22.33
C GLU A 168 23.74 12.12 -23.33
N VAL A 169 24.92 12.71 -23.63
CA VAL A 169 25.90 12.17 -24.56
C VAL A 169 26.62 10.97 -23.94
N GLY A 170 26.96 9.99 -24.77
CA GLY A 170 27.62 8.77 -24.32
C GLY A 170 26.64 7.65 -24.05
N LYS A 171 25.64 7.91 -23.20
CA LYS A 171 24.60 6.95 -22.84
C LYS A 171 23.50 6.92 -23.92
N PRO A 172 23.09 5.70 -24.34
CA PRO A 172 22.09 5.60 -25.41
C PRO A 172 20.72 6.14 -25.04
N ARG A 173 19.89 6.43 -26.06
CA ARG A 173 18.54 6.97 -25.90
C ARG A 173 17.47 5.88 -25.96
N PRO A 174 16.60 5.76 -24.94
CA PRO A 174 15.56 4.73 -24.98
C PRO A 174 14.50 4.99 -26.03
N PRO A 175 13.92 3.93 -26.64
CA PRO A 175 12.89 4.15 -27.67
C PRO A 175 11.68 4.93 -27.14
N LEU A 176 11.26 5.98 -27.88
CA LEU A 176 10.16 6.86 -27.47
C LEU A 176 8.76 6.41 -27.86
N ASN A 177 8.08 5.76 -26.92
CA ASN A 177 6.71 5.28 -27.06
C ASN A 177 6.02 5.27 -25.69
N ARG A 178 4.67 5.20 -25.65
CA ARG A 178 3.95 5.15 -24.38
C ARG A 178 4.25 3.87 -23.55
N ASN A 179 5.05 2.94 -24.10
CA ASN A 179 5.48 1.70 -23.45
C ASN A 179 6.54 1.98 -22.37
N TYR A 180 7.35 3.05 -22.54
CA TYR A 180 8.42 3.46 -21.62
C TYR A 180 7.93 4.66 -20.75
N VAL A 181 7.36 4.43 -19.54
CA VAL A 181 6.87 5.55 -18.71
C VAL A 181 7.99 6.19 -17.89
N PHE A 182 8.42 7.36 -18.33
CA PHE A 182 9.47 8.13 -17.69
C PHE A 182 9.04 8.69 -16.34
N THR A 183 9.99 9.32 -15.63
CA THR A 183 9.70 9.97 -14.37
C THR A 183 10.37 11.35 -14.42
N GLY A 184 9.55 12.39 -14.34
CA GLY A 184 10.04 13.76 -14.38
C GLY A 184 10.38 14.31 -13.02
N TYR A 185 11.43 15.15 -12.94
CA TYR A 185 11.89 15.72 -11.68
C TYR A 185 12.25 17.20 -11.87
N GLN A 194 9.93 15.38 -8.41
CA GLN A 194 8.97 14.29 -8.58
C GLN A 194 7.71 14.87 -9.22
N ILE A 195 7.90 15.60 -10.34
CA ILE A 195 6.82 16.31 -11.03
C ILE A 195 5.93 15.41 -11.93
N GLY A 196 5.65 14.20 -11.44
CA GLY A 196 4.78 13.25 -12.11
C GLY A 196 5.40 12.43 -13.22
N GLU A 197 4.82 11.25 -13.49
CA GLU A 197 5.31 10.38 -14.56
C GLU A 197 5.00 11.05 -15.92
N TYR A 198 5.92 10.93 -16.87
CA TYR A 198 5.74 11.53 -18.20
C TYR A 198 5.95 10.50 -19.31
N THR A 199 5.20 10.61 -20.41
CA THR A 199 5.32 9.71 -21.57
C THR A 199 5.62 10.52 -22.85
N PHE A 200 6.41 9.98 -23.81
CA PHE A 200 6.79 10.73 -25.03
C PHE A 200 6.47 10.07 -26.38
N GLU A 201 6.13 10.90 -27.40
CA GLU A 201 5.80 10.42 -28.75
C GLU A 201 6.38 11.28 -29.89
N LYS A 202 7.14 10.66 -30.82
CA LYS A 202 7.74 11.31 -32.00
C LYS A 202 6.81 11.29 -33.21
N ASP A 207 12.23 19.04 -35.43
CA ASP A 207 12.09 18.05 -34.37
C ASP A 207 10.79 18.31 -33.57
N ALA A 208 9.68 17.64 -33.92
CA ALA A 208 8.41 17.86 -33.22
C ALA A 208 7.98 16.65 -32.37
N VAL A 209 8.13 16.76 -31.03
CA VAL A 209 7.79 15.68 -30.10
C VAL A 209 6.61 16.08 -29.16
N VAL A 210 5.82 15.10 -28.74
CA VAL A 210 4.66 15.35 -27.88
C VAL A 210 4.89 14.93 -26.39
N TYR A 211 4.76 15.88 -25.42
CA TYR A 211 4.96 15.62 -23.99
C TYR A 211 3.66 15.29 -23.27
N ARG A 212 3.60 14.11 -22.63
CA ARG A 212 2.38 13.65 -21.95
C ARG A 212 2.56 13.38 -20.45
N GLY A 213 2.34 14.41 -19.66
CA GLY A 213 2.45 14.28 -18.21
C GLY A 213 1.20 13.72 -17.59
N THR A 214 1.37 12.65 -16.80
CA THR A 214 0.27 12.06 -16.05
C THR A 214 -0.30 13.08 -15.04
N THR A 215 0.56 13.96 -14.49
CA THR A 215 0.16 15.05 -13.61
C THR A 215 0.36 16.35 -14.39
N THR A 216 -0.67 17.18 -14.51
CA THR A 216 -0.58 18.45 -15.25
C THR A 216 0.42 19.40 -14.59
N TYR A 217 1.45 19.80 -15.34
CA TYR A 217 2.47 20.70 -14.80
C TYR A 217 3.08 21.57 -15.88
N LYS A 218 3.38 22.83 -15.51
CA LYS A 218 4.00 23.80 -16.42
C LYS A 218 5.41 23.35 -16.75
N LEU A 219 5.58 22.65 -17.90
CA LEU A 219 6.85 22.10 -18.36
C LEU A 219 8.02 23.11 -18.29
N ASN A 220 8.88 22.95 -17.26
CA ASN A 220 10.02 23.82 -17.01
C ASN A 220 11.21 23.42 -17.87
N VAL A 221 11.89 24.42 -18.47
CA VAL A 221 13.11 24.20 -19.26
C VAL A 221 14.29 23.98 -18.31
N GLY A 222 14.89 22.78 -18.35
CA GLY A 222 16.00 22.44 -17.47
C GLY A 222 15.71 21.29 -16.53
N ASP A 223 14.42 21.03 -16.27
CA ASP A 223 14.06 19.93 -15.38
C ASP A 223 14.41 18.60 -16.08
N TYR A 224 15.03 17.67 -15.35
CA TYR A 224 15.47 16.41 -15.95
C TYR A 224 14.47 15.25 -15.75
N PHE A 225 14.55 14.22 -16.62
CA PHE A 225 13.75 13.00 -16.54
C PHE A 225 14.68 11.79 -16.27
N VAL A 226 14.14 10.72 -15.70
CA VAL A 226 14.85 9.46 -15.42
C VAL A 226 13.83 8.30 -15.45
N LEU A 227 14.22 7.12 -15.99
CA LEU A 227 13.30 5.98 -16.08
C LEU A 227 13.01 5.36 -14.72
N THR A 228 11.75 4.94 -14.52
CA THR A 228 11.27 4.35 -13.28
C THR A 228 11.90 3.02 -12.92
N SER A 229 13.09 3.04 -12.31
CA SER A 229 13.78 1.81 -11.91
C SER A 229 13.26 1.39 -10.54
N HIS A 230 12.35 0.40 -10.48
CA HIS A 230 11.80 -0.05 -9.21
C HIS A 230 12.57 -1.24 -8.65
N THR A 231 12.66 -1.33 -7.31
CA THR A 231 13.34 -2.39 -6.56
C THR A 231 12.56 -3.71 -6.75
N VAL A 232 13.25 -4.79 -7.17
CA VAL A 232 12.62 -6.10 -7.39
C VAL A 232 12.56 -6.88 -6.10
N MET A 233 11.34 -7.12 -5.60
CA MET A 233 11.15 -7.86 -4.36
C MET A 233 11.27 -9.36 -4.60
N PRO A 234 11.66 -10.12 -3.58
CA PRO A 234 11.76 -11.57 -3.75
C PRO A 234 10.39 -12.23 -3.91
N LEU A 235 10.38 -13.35 -4.64
CA LEU A 235 9.18 -14.12 -4.89
C LEU A 235 9.16 -15.26 -3.91
N SER A 236 8.01 -15.48 -3.28
CA SER A 236 7.84 -16.53 -2.28
C SER A 236 6.85 -17.58 -2.75
N ALA A 237 5.68 -17.12 -3.25
CA ALA A 237 4.61 -17.96 -3.72
C ALA A 237 4.85 -18.52 -5.12
N PRO A 238 4.34 -19.74 -5.44
CA PRO A 238 4.50 -20.27 -6.81
C PRO A 238 3.68 -19.47 -7.86
N THR A 239 4.00 -19.66 -9.15
CA THR A 239 3.26 -19.03 -10.26
C THR A 239 1.84 -19.57 -10.30
N LEU A 240 1.71 -20.88 -10.08
CA LEU A 240 0.48 -21.65 -9.96
C LEU A 240 0.49 -22.41 -8.64
N VAL A 241 -0.56 -22.30 -7.82
CA VAL A 241 -0.63 -23.12 -6.60
C VAL A 241 -0.81 -24.60 -7.05
N PRO A 242 -0.49 -25.63 -6.24
CA PRO A 242 -0.69 -27.01 -6.74
C PRO A 242 -2.17 -27.25 -6.99
N GLN A 243 -2.48 -27.95 -8.09
CA GLN A 243 -3.85 -28.21 -8.47
C GLN A 243 -4.59 -29.16 -7.55
N GLU A 244 -5.82 -28.81 -7.18
CA GLU A 244 -6.68 -29.69 -6.44
C GLU A 244 -7.94 -29.89 -7.25
N HIS A 245 -8.41 -31.12 -7.34
CA HIS A 245 -9.67 -31.43 -7.99
C HIS A 245 -10.58 -31.97 -6.93
N TYR A 246 -11.80 -31.45 -6.86
CA TYR A 246 -12.78 -31.86 -5.86
C TYR A 246 -13.95 -32.62 -6.49
N VAL A 247 -14.68 -33.37 -5.65
CA VAL A 247 -15.86 -34.12 -6.07
C VAL A 247 -17.13 -33.25 -6.00
N ARG A 248 -17.14 -32.23 -5.13
CA ARG A 248 -18.25 -31.29 -5.00
C ARG A 248 -17.73 -29.87 -5.17
N ILE A 249 -18.65 -28.92 -5.39
CA ILE A 249 -18.31 -27.49 -5.44
C ILE A 249 -17.92 -27.11 -4.00
N THR A 250 -16.74 -26.55 -3.86
CA THR A 250 -16.13 -26.29 -2.56
C THR A 250 -16.12 -24.82 -2.14
N GLY A 251 -16.70 -24.51 -0.98
CA GLY A 251 -16.73 -23.16 -0.42
C GLY A 251 -17.48 -22.11 -1.20
N LEU A 252 -18.18 -22.54 -2.24
CA LEU A 252 -18.95 -21.64 -3.07
C LEU A 252 -20.41 -22.09 -3.05
N TYR A 253 -21.34 -21.12 -2.99
CA TYR A 253 -22.76 -21.43 -2.92
C TYR A 253 -23.51 -20.92 -4.15
N PRO A 254 -23.87 -21.86 -5.06
CA PRO A 254 -24.51 -21.46 -6.34
C PRO A 254 -26.00 -21.07 -6.28
N THR A 255 -26.54 -20.49 -7.38
CA THR A 255 -27.98 -20.24 -7.48
C THR A 255 -28.56 -21.26 -8.50
N LEU A 256 -29.85 -21.52 -8.42
CA LEU A 256 -30.55 -22.28 -9.45
C LEU A 256 -31.49 -21.34 -10.28
N ASN A 257 -31.40 -20.02 -10.01
CA ASN A 257 -32.05 -18.91 -10.63
C ASN A 257 -30.92 -18.09 -11.23
N ILE A 258 -30.10 -18.72 -12.09
CA ILE A 258 -29.02 -18.02 -12.77
C ILE A 258 -29.61 -17.53 -14.08
N SER A 259 -29.62 -16.19 -14.31
CA SER A 259 -30.19 -15.53 -15.50
C SER A 259 -29.85 -16.26 -16.81
N ASP A 260 -30.77 -16.33 -17.79
CA ASP A 260 -30.51 -17.05 -19.04
C ASP A 260 -29.34 -16.48 -19.87
N GLU A 261 -28.93 -15.24 -19.57
CA GLU A 261 -27.82 -14.53 -20.17
C GLU A 261 -26.53 -15.34 -19.93
N PHE A 262 -26.35 -15.86 -18.69
CA PHE A 262 -25.18 -16.63 -18.23
C PHE A 262 -25.34 -18.12 -18.20
N SER A 263 -26.47 -18.63 -18.71
CA SER A 263 -26.78 -20.05 -18.75
C SER A 263 -25.75 -20.86 -19.52
N SER A 264 -25.15 -20.27 -20.57
CA SER A 264 -24.14 -20.95 -21.38
C SER A 264 -22.86 -21.31 -20.61
N ASN A 265 -22.64 -20.64 -19.47
CA ASN A 265 -21.45 -20.88 -18.68
C ASN A 265 -21.70 -21.63 -17.41
N VAL A 266 -22.92 -22.11 -17.15
CA VAL A 266 -23.25 -22.84 -15.91
C VAL A 266 -22.33 -24.04 -15.69
N ALA A 267 -22.06 -24.87 -16.74
CA ALA A 267 -21.20 -26.05 -16.57
C ALA A 267 -19.76 -25.65 -16.23
N ASN A 268 -19.28 -24.59 -16.88
CA ASN A 268 -17.94 -24.02 -16.66
C ASN A 268 -17.79 -23.36 -15.26
N TYR A 269 -18.85 -22.69 -14.74
CA TYR A 269 -18.85 -22.09 -13.40
C TYR A 269 -18.78 -23.19 -12.35
N GLN A 270 -19.39 -24.37 -12.60
CA GLN A 270 -19.38 -25.51 -11.69
C GLN A 270 -17.98 -26.11 -11.66
N LYS A 271 -17.32 -26.22 -12.85
CA LYS A 271 -15.94 -26.68 -12.99
C LYS A 271 -15.02 -25.76 -12.15
N VAL A 272 -15.29 -24.42 -12.14
CA VAL A 272 -14.56 -23.43 -11.34
C VAL A 272 -14.61 -23.78 -9.82
N GLY A 273 -15.78 -24.22 -9.33
CA GLY A 273 -15.96 -24.59 -7.93
C GLY A 273 -15.44 -25.98 -7.59
N MET A 274 -15.11 -26.79 -8.60
CA MET A 274 -14.64 -28.16 -8.39
C MET A 274 -13.15 -28.41 -8.65
N GLN A 275 -12.39 -27.32 -8.72
CA GLN A 275 -10.93 -27.29 -8.96
C GLN A 275 -10.35 -26.09 -8.16
N LYS A 276 -9.09 -26.18 -7.69
CA LYS A 276 -8.40 -25.06 -7.02
C LYS A 276 -8.20 -23.91 -8.04
N TYR A 277 -7.79 -24.24 -9.26
CA TYR A 277 -7.61 -23.23 -10.30
C TYR A 277 -8.09 -23.78 -11.64
N SER A 278 -8.58 -22.88 -12.48
CA SER A 278 -9.04 -23.23 -13.82
C SER A 278 -8.56 -22.20 -14.86
N THR A 279 -8.33 -22.67 -16.10
CA THR A 279 -7.90 -21.80 -17.19
C THR A 279 -9.00 -21.68 -18.25
N LEU A 280 -9.24 -20.45 -18.68
CA LEU A 280 -10.22 -20.20 -19.72
C LEU A 280 -9.54 -19.54 -20.97
N GLN A 281 -9.56 -20.23 -22.12
CA GLN A 281 -9.08 -19.63 -23.35
C GLN A 281 -10.27 -18.98 -24.04
N GLY A 282 -10.22 -17.68 -24.10
CA GLY A 282 -11.26 -16.91 -24.74
C GLY A 282 -10.74 -16.11 -25.91
N PRO A 283 -10.85 -16.64 -27.14
CA PRO A 283 -10.52 -15.83 -28.34
C PRO A 283 -11.23 -14.47 -28.33
N PRO A 284 -10.84 -13.51 -29.19
CA PRO A 284 -11.51 -12.20 -29.16
C PRO A 284 -13.04 -12.26 -29.27
N GLY A 285 -13.73 -11.48 -28.45
CA GLY A 285 -15.17 -11.36 -28.48
C GLY A 285 -15.99 -12.62 -28.23
N THR A 286 -15.43 -13.58 -27.49
CA THR A 286 -16.11 -14.83 -27.14
C THR A 286 -16.83 -14.79 -25.77
N GLY A 287 -16.68 -13.69 -25.04
CA GLY A 287 -17.36 -13.48 -23.78
C GLY A 287 -16.53 -13.68 -22.52
N LYS A 288 -15.22 -13.33 -22.53
CA LYS A 288 -14.39 -13.48 -21.34
C LYS A 288 -14.90 -12.64 -20.17
N SER A 289 -15.17 -11.34 -20.38
CA SER A 289 -15.58 -10.48 -19.26
C SER A 289 -17.02 -10.80 -18.82
N HIS A 290 -17.86 -11.30 -19.72
CA HIS A 290 -19.21 -11.77 -19.43
C HIS A 290 -19.10 -13.03 -18.55
N PHE A 291 -18.15 -13.93 -18.87
CA PHE A 291 -17.89 -15.12 -18.08
C PHE A 291 -17.41 -14.70 -16.68
N ALA A 292 -16.41 -13.80 -16.62
CA ALA A 292 -15.86 -13.30 -15.35
C ALA A 292 -16.95 -12.68 -14.46
N ILE A 293 -17.81 -11.82 -14.99
CA ILE A 293 -18.87 -11.17 -14.20
C ILE A 293 -20.03 -12.15 -13.88
N GLY A 294 -20.34 -13.04 -14.80
CA GLY A 294 -21.36 -14.05 -14.60
C GLY A 294 -21.04 -15.07 -13.52
N LEU A 295 -19.76 -15.25 -13.24
CA LEU A 295 -19.29 -16.11 -12.18
C LEU A 295 -19.76 -15.56 -10.81
N ALA A 296 -19.86 -14.21 -10.66
CA ALA A 296 -20.34 -13.54 -9.44
C ALA A 296 -21.85 -13.71 -9.27
N LEU A 297 -22.59 -13.72 -10.38
CA LEU A 297 -24.03 -13.95 -10.34
C LEU A 297 -24.33 -15.46 -10.05
N TYR A 298 -23.46 -16.36 -10.53
CA TYR A 298 -23.60 -17.77 -10.26
C TYR A 298 -23.25 -18.12 -8.81
N TYR A 299 -22.27 -17.47 -8.17
CA TYR A 299 -21.96 -17.69 -6.75
C TYR A 299 -22.17 -16.35 -6.08
N PRO A 300 -23.46 -15.98 -5.82
CA PRO A 300 -23.77 -14.61 -5.40
C PRO A 300 -23.29 -14.18 -4.02
N SER A 301 -22.89 -15.14 -3.19
CA SER A 301 -22.35 -14.89 -1.83
C SER A 301 -20.80 -14.75 -1.82
N ALA A 302 -20.14 -15.27 -2.88
CA ALA A 302 -18.69 -15.27 -3.02
C ALA A 302 -18.05 -13.89 -3.15
N ARG A 303 -17.02 -13.66 -2.35
CA ARG A 303 -16.22 -12.45 -2.42
C ARG A 303 -15.21 -12.68 -3.57
N ILE A 304 -15.31 -11.89 -4.65
CA ILE A 304 -14.42 -12.06 -5.80
C ILE A 304 -13.48 -10.89 -5.98
N VAL A 305 -12.20 -11.19 -6.15
CA VAL A 305 -11.22 -10.17 -6.45
C VAL A 305 -10.90 -10.35 -7.92
N TYR A 306 -11.15 -9.30 -8.70
CA TYR A 306 -10.87 -9.26 -10.13
C TYR A 306 -9.55 -8.52 -10.25
N THR A 307 -8.57 -9.15 -10.92
CA THR A 307 -7.23 -8.61 -11.09
C THR A 307 -6.73 -8.81 -12.54
N ALA A 308 -5.84 -7.92 -12.98
CA ALA A 308 -5.18 -7.93 -14.30
C ALA A 308 -3.90 -7.06 -14.23
N CYS A 309 -2.99 -7.16 -15.20
CA CYS A 309 -1.76 -6.37 -15.11
C CYS A 309 -2.01 -4.89 -15.39
N SER A 310 -2.87 -4.57 -16.37
CA SER A 310 -3.13 -3.20 -16.75
C SER A 310 -4.36 -2.54 -16.10
N HIS A 311 -4.36 -1.21 -16.02
CA HIS A 311 -5.51 -0.47 -15.53
C HIS A 311 -6.67 -0.62 -16.50
N ALA A 312 -6.39 -0.69 -17.84
CA ALA A 312 -7.39 -0.87 -18.88
C ALA A 312 -8.13 -2.21 -18.75
N ALA A 313 -7.39 -3.31 -18.47
CA ALA A 313 -8.06 -4.62 -18.30
C ALA A 313 -8.95 -4.62 -17.07
N VAL A 314 -8.50 -3.98 -15.98
CA VAL A 314 -9.27 -3.90 -14.74
C VAL A 314 -10.53 -3.05 -14.97
N ASP A 315 -10.39 -1.90 -15.70
CA ASP A 315 -11.48 -0.99 -16.05
C ASP A 315 -12.53 -1.66 -16.95
N ALA A 316 -12.09 -2.49 -17.91
CA ALA A 316 -13.03 -3.24 -18.75
C ALA A 316 -13.83 -4.25 -17.88
N LEU A 317 -13.23 -4.79 -16.79
CA LEU A 317 -13.96 -5.68 -15.88
C LEU A 317 -14.96 -4.88 -15.00
N CYS A 318 -14.57 -3.66 -14.61
CA CYS A 318 -15.38 -2.72 -13.84
C CYS A 318 -16.63 -2.34 -14.66
N GLU A 319 -16.44 -2.11 -15.98
CA GLU A 319 -17.51 -1.74 -16.91
C GLU A 319 -18.55 -2.82 -17.06
N LYS A 320 -18.11 -4.09 -17.06
CA LYS A 320 -19.05 -5.21 -17.15
C LYS A 320 -19.73 -5.40 -15.79
N ALA A 321 -19.00 -5.21 -14.66
CA ALA A 321 -19.59 -5.33 -13.32
C ALA A 321 -20.61 -4.22 -13.01
N LEU A 322 -20.42 -3.05 -13.62
CA LEU A 322 -21.33 -1.94 -13.44
C LEU A 322 -22.72 -2.30 -14.03
N LYS A 323 -22.77 -3.08 -15.12
CA LYS A 323 -24.00 -3.51 -15.77
C LYS A 323 -24.73 -4.65 -15.02
N TYR A 324 -23.98 -5.53 -14.31
CA TYR A 324 -24.60 -6.71 -13.70
C TYR A 324 -24.57 -6.85 -12.20
N LEU A 325 -23.54 -6.30 -11.56
CA LEU A 325 -23.34 -6.46 -10.13
C LEU A 325 -23.72 -5.19 -9.36
N PRO A 326 -24.16 -5.35 -8.10
CA PRO A 326 -24.58 -4.17 -7.31
C PRO A 326 -23.42 -3.24 -6.94
N ILE A 327 -23.44 -1.98 -7.47
CA ILE A 327 -22.40 -0.95 -7.37
C ILE A 327 -21.90 -0.68 -5.93
N ASP A 328 -22.78 -0.84 -4.93
CA ASP A 328 -22.44 -0.63 -3.52
C ASP A 328 -21.48 -1.70 -2.97
N LYS A 329 -21.41 -2.89 -3.61
CA LYS A 329 -20.46 -3.92 -3.19
C LYS A 329 -19.20 -3.98 -4.06
N CYS A 330 -18.99 -2.98 -4.94
CA CYS A 330 -17.82 -2.92 -5.79
C CYS A 330 -16.86 -1.83 -5.35
N SER A 331 -15.58 -2.13 -5.44
CA SER A 331 -14.55 -1.16 -5.12
C SER A 331 -13.40 -1.23 -6.10
N ARG A 332 -13.03 -0.06 -6.66
CA ARG A 332 -11.91 0.04 -7.56
C ARG A 332 -10.65 0.48 -6.76
N ILE A 333 -9.68 -0.44 -6.53
CA ILE A 333 -8.46 -0.12 -5.78
C ILE A 333 -7.52 0.65 -6.67
N ILE A 334 -7.21 1.88 -6.29
CA ILE A 334 -6.34 2.77 -7.03
C ILE A 334 -5.10 3.03 -6.22
N PRO A 335 -3.91 2.81 -6.81
CA PRO A 335 -2.67 3.09 -6.07
C PRO A 335 -2.52 4.57 -5.78
N ALA A 336 -2.01 4.89 -4.56
CA ALA A 336 -1.81 6.26 -4.08
C ALA A 336 -1.00 7.08 -5.08
N ARG A 337 0.01 6.45 -5.73
CA ARG A 337 0.77 7.08 -6.80
C ARG A 337 -0.03 6.85 -8.09
N ALA A 338 -1.21 7.52 -8.20
CA ALA A 338 -2.13 7.40 -9.33
C ALA A 338 -1.50 7.90 -10.63
N ARG A 339 -1.14 6.95 -11.50
CA ARG A 339 -0.46 7.18 -12.79
C ARG A 339 -1.45 7.66 -13.88
N VAL A 340 -2.23 6.76 -14.47
CA VAL A 340 -3.20 7.13 -15.50
C VAL A 340 -4.62 7.18 -14.93
N GLU A 341 -5.52 7.91 -15.61
CA GLU A 341 -6.93 7.99 -15.22
C GLU A 341 -7.56 6.61 -15.38
N CYS A 342 -8.29 6.14 -14.35
CA CYS A 342 -8.95 4.84 -14.45
C CYS A 342 -10.47 4.91 -14.06
N PHE A 343 -11.11 3.79 -13.73
CA PHE A 343 -12.53 3.68 -13.41
C PHE A 343 -12.94 4.48 -12.17
N ASP A 344 -13.85 5.50 -12.36
CA ASP A 344 -14.37 6.47 -11.37
C ASP A 344 -15.78 6.16 -10.76
N LYS A 345 -16.49 5.11 -11.22
CA LYS A 345 -17.86 4.87 -10.73
C LYS A 345 -18.01 3.94 -9.51
N PHE A 346 -16.94 3.36 -8.95
CA PHE A 346 -17.04 2.51 -7.75
C PHE A 346 -16.47 3.25 -6.54
N LYS A 347 -16.81 2.81 -5.29
CA LYS A 347 -16.20 3.41 -4.10
C LYS A 347 -14.69 3.08 -4.14
N VAL A 348 -13.83 4.11 -4.08
CA VAL A 348 -12.38 3.92 -4.23
C VAL A 348 -11.68 3.47 -2.92
N ASN A 349 -10.79 2.46 -3.07
CA ASN A 349 -9.89 1.89 -2.06
C ASN A 349 -10.56 1.24 -0.83
N SER A 350 -11.79 0.71 -0.99
CA SER A 350 -12.44 -0.01 0.09
C SER A 350 -12.14 -1.49 -0.10
N THR A 351 -11.06 -1.98 0.54
CA THR A 351 -10.58 -3.36 0.42
C THR A 351 -11.61 -4.43 0.85
N LEU A 352 -12.49 -4.08 1.77
CA LEU A 352 -13.45 -5.02 2.35
C LEU A 352 -14.68 -5.34 1.51
N GLU A 353 -14.89 -4.63 0.37
CA GLU A 353 -16.06 -4.85 -0.48
C GLU A 353 -16.12 -6.28 -1.05
N GLN A 354 -17.32 -6.76 -1.39
CA GLN A 354 -17.48 -8.10 -1.95
C GLN A 354 -16.76 -8.25 -3.29
N TYR A 355 -16.77 -7.19 -4.10
CA TYR A 355 -16.11 -7.19 -5.39
C TYR A 355 -15.01 -6.16 -5.39
N VAL A 356 -13.78 -6.63 -5.58
CA VAL A 356 -12.62 -5.77 -5.55
C VAL A 356 -11.93 -5.84 -6.90
N PHE A 357 -11.81 -4.71 -7.56
CA PHE A 357 -11.19 -4.64 -8.87
C PHE A 357 -9.88 -3.88 -8.66
N CYS A 358 -8.76 -4.47 -9.05
CA CYS A 358 -7.46 -3.88 -8.78
C CYS A 358 -6.37 -4.50 -9.65
N THR A 359 -5.38 -3.68 -10.09
CA THR A 359 -4.24 -4.20 -10.85
C THR A 359 -3.32 -5.07 -9.96
N VAL A 360 -2.56 -6.01 -10.56
CA VAL A 360 -1.65 -6.88 -9.81
C VAL A 360 -0.69 -6.11 -8.86
N ASN A 361 -0.01 -5.02 -9.32
CA ASN A 361 0.94 -4.28 -8.46
C ASN A 361 0.30 -3.51 -7.32
N ALA A 362 -1.01 -3.21 -7.41
CA ALA A 362 -1.72 -2.48 -6.35
C ALA A 362 -2.52 -3.38 -5.38
N LEU A 363 -2.51 -4.71 -5.59
CA LEU A 363 -3.26 -5.66 -4.77
C LEU A 363 -2.92 -5.58 -3.30
N PRO A 364 -3.95 -5.51 -2.46
CA PRO A 364 -3.70 -5.59 -1.01
C PRO A 364 -3.48 -7.05 -0.55
N GLU A 365 -2.99 -7.22 0.69
CA GLU A 365 -2.82 -8.56 1.24
C GLU A 365 -4.18 -8.93 1.82
N THR A 366 -4.92 -9.78 1.08
CA THR A 366 -6.29 -10.17 1.45
C THR A 366 -6.63 -11.61 0.98
N THR A 367 -7.78 -12.11 1.38
CA THR A 367 -8.27 -13.40 0.97
C THR A 367 -9.54 -13.21 0.12
N ALA A 368 -9.97 -14.27 -0.57
CA ALA A 368 -11.18 -14.22 -1.39
C ALA A 368 -11.77 -15.61 -1.62
N ASP A 369 -13.07 -15.71 -1.95
CA ASP A 369 -13.67 -17.02 -2.29
C ASP A 369 -13.19 -17.38 -3.72
N ILE A 370 -13.16 -16.37 -4.63
CA ILE A 370 -12.60 -16.55 -5.97
C ILE A 370 -11.70 -15.37 -6.31
N VAL A 371 -10.65 -15.66 -7.06
CA VAL A 371 -9.79 -14.65 -7.64
C VAL A 371 -9.89 -14.86 -9.16
N VAL A 372 -10.19 -13.80 -9.92
CA VAL A 372 -10.25 -13.88 -11.36
C VAL A 372 -9.08 -13.04 -11.89
N PHE A 373 -8.13 -13.69 -12.56
CA PHE A 373 -6.97 -13.03 -13.16
C PHE A 373 -7.26 -13.00 -14.65
N ASP A 374 -7.55 -11.81 -15.19
CA ASP A 374 -7.86 -11.61 -16.60
C ASP A 374 -6.62 -11.18 -17.42
N GLU A 375 -6.73 -11.30 -18.78
CA GLU A 375 -5.72 -10.96 -19.76
C GLU A 375 -4.42 -11.68 -19.42
N ILE A 376 -4.54 -13.01 -19.18
CA ILE A 376 -3.46 -13.87 -18.74
C ILE A 376 -2.30 -13.92 -19.72
N SER A 377 -2.48 -13.69 -21.03
CA SER A 377 -1.34 -13.68 -21.95
C SER A 377 -0.35 -12.52 -21.58
N MET A 378 -0.86 -11.42 -20.98
CA MET A 378 -0.04 -10.27 -20.58
C MET A 378 0.70 -10.47 -19.26
N ALA A 379 0.37 -11.50 -18.49
CA ALA A 379 1.03 -11.75 -17.23
C ALA A 379 2.38 -12.37 -17.45
N THR A 380 3.32 -12.01 -16.58
CA THR A 380 4.65 -12.64 -16.53
C THR A 380 4.55 -13.63 -15.35
N ASN A 381 5.54 -14.51 -15.20
CA ASN A 381 5.58 -15.42 -14.04
C ASN A 381 5.77 -14.64 -12.74
N TYR A 382 6.41 -13.44 -12.80
CA TYR A 382 6.57 -12.54 -11.66
C TYR A 382 5.16 -12.14 -11.14
N ASP A 383 4.26 -11.69 -12.07
CA ASP A 383 2.86 -11.33 -11.78
C ASP A 383 2.06 -12.51 -11.22
N LEU A 384 2.20 -13.72 -11.85
CA LEU A 384 1.53 -14.94 -11.40
C LEU A 384 1.88 -15.23 -9.93
N SER A 385 3.17 -15.07 -9.58
CA SER A 385 3.69 -15.29 -8.24
C SER A 385 3.17 -14.23 -7.25
N VAL A 386 3.24 -12.93 -7.62
CA VAL A 386 2.74 -11.82 -6.79
C VAL A 386 1.27 -12.02 -6.43
N VAL A 387 0.44 -12.44 -7.39
CA VAL A 387 -0.98 -12.72 -7.11
C VAL A 387 -1.13 -13.83 -6.04
N ASN A 388 -0.34 -14.90 -6.14
CA ASN A 388 -0.44 -15.99 -5.18
C ASN A 388 0.07 -15.58 -3.76
N ALA A 389 0.97 -14.58 -3.71
CA ALA A 389 1.55 -14.07 -2.46
C ALA A 389 0.64 -13.02 -1.79
N ARG A 390 -0.11 -12.23 -2.58
CA ARG A 390 -1.01 -11.22 -2.00
C ARG A 390 -2.47 -11.70 -1.79
N LEU A 391 -2.90 -12.73 -2.53
CA LEU A 391 -4.26 -13.24 -2.44
C LEU A 391 -4.36 -14.74 -2.08
N ARG A 392 -4.98 -15.05 -0.92
CA ARG A 392 -5.20 -16.44 -0.52
C ARG A 392 -6.67 -16.77 -0.84
N ALA A 393 -6.91 -17.55 -1.91
CA ALA A 393 -8.27 -17.84 -2.36
C ALA A 393 -8.67 -19.31 -2.40
N LYS A 394 -9.98 -19.58 -2.28
CA LYS A 394 -10.49 -20.94 -2.42
C LYS A 394 -10.34 -21.41 -3.88
N HIS A 395 -10.57 -20.46 -4.84
CA HIS A 395 -10.48 -20.73 -6.28
C HIS A 395 -9.84 -19.60 -7.04
N TYR A 396 -9.00 -19.95 -8.01
CA TYR A 396 -8.33 -18.98 -8.88
C TYR A 396 -8.78 -19.29 -10.31
N VAL A 397 -9.20 -18.27 -11.06
CA VAL A 397 -9.59 -18.46 -12.45
C VAL A 397 -8.72 -17.59 -13.33
N TYR A 398 -8.06 -18.18 -14.32
CA TYR A 398 -7.16 -17.48 -15.23
C TYR A 398 -7.82 -17.38 -16.56
N ILE A 399 -8.17 -16.18 -16.92
CA ILE A 399 -8.82 -15.90 -18.19
C ILE A 399 -7.87 -15.13 -19.14
N GLY A 400 -7.87 -15.56 -20.39
CA GLY A 400 -7.08 -14.89 -21.41
C GLY A 400 -7.01 -15.71 -22.66
N ASP A 401 -5.98 -15.46 -23.46
CA ASP A 401 -5.84 -16.14 -24.74
C ASP A 401 -4.39 -16.15 -25.14
N PRO A 402 -3.79 -17.35 -25.20
CA PRO A 402 -2.38 -17.42 -25.61
C PRO A 402 -2.14 -17.05 -27.09
N ALA A 403 -3.18 -16.94 -27.91
CA ALA A 403 -3.09 -16.44 -29.29
C ALA A 403 -3.14 -14.88 -29.34
N GLN A 404 -3.20 -14.23 -28.18
CA GLN A 404 -3.13 -12.79 -28.12
C GLN A 404 -1.72 -12.33 -27.62
N LEU A 405 -1.52 -11.02 -27.51
CA LEU A 405 -0.22 -10.47 -27.15
C LEU A 405 0.27 -10.70 -25.70
N PRO A 406 1.57 -11.03 -25.56
CA PRO A 406 2.15 -11.16 -24.23
C PRO A 406 2.72 -9.81 -23.73
N ALA A 407 3.18 -9.78 -22.46
CA ALA A 407 3.82 -8.59 -21.90
C ALA A 407 5.10 -8.31 -22.66
N PRO A 408 5.42 -7.04 -22.89
CA PRO A 408 6.69 -6.72 -23.56
C PRO A 408 7.90 -7.17 -22.73
N ARG A 409 8.82 -7.87 -23.38
CA ARG A 409 10.05 -8.33 -22.75
C ARG A 409 11.12 -7.38 -23.30
N THR A 410 11.37 -6.27 -22.59
CA THR A 410 12.31 -5.25 -23.04
C THR A 410 13.72 -5.76 -23.36
N LEU A 411 14.23 -6.80 -22.66
CA LEU A 411 15.57 -7.29 -22.93
C LEU A 411 15.65 -8.28 -24.10
N LEU A 412 14.53 -8.92 -24.46
CA LEU A 412 14.54 -9.91 -25.53
C LEU A 412 14.68 -9.26 -26.91
N THR A 413 15.85 -9.51 -27.58
CA THR A 413 16.14 -9.02 -28.93
C THR A 413 16.36 -10.13 -29.93
N LYS A 414 16.69 -11.34 -29.49
CA LYS A 414 16.97 -12.43 -30.41
C LYS A 414 16.02 -13.62 -30.22
N GLY A 415 15.34 -14.01 -31.28
CA GLY A 415 14.44 -15.16 -31.23
C GLY A 415 13.03 -14.73 -30.92
N THR A 416 12.11 -15.57 -31.34
CA THR A 416 10.70 -15.28 -31.13
C THR A 416 10.19 -16.13 -29.98
N LEU A 417 9.49 -15.47 -29.05
CA LEU A 417 8.92 -16.12 -27.88
C LEU A 417 7.54 -16.72 -28.24
N GLU A 418 7.43 -18.06 -28.25
CA GLU A 418 6.17 -18.74 -28.54
C GLU A 418 5.17 -18.65 -27.37
N PRO A 419 3.83 -18.67 -27.69
CA PRO A 419 2.78 -18.61 -26.63
C PRO A 419 2.90 -19.59 -25.45
N GLU A 420 3.41 -20.81 -25.70
CA GLU A 420 3.61 -21.77 -24.60
C GLU A 420 4.69 -21.34 -23.58
N TYR A 421 5.40 -20.28 -23.86
CA TYR A 421 6.46 -19.79 -23.00
C TYR A 421 6.15 -18.39 -22.42
N PHE A 422 4.91 -17.86 -22.59
CA PHE A 422 4.56 -16.53 -22.08
C PHE A 422 4.57 -16.53 -20.57
N ASN A 423 3.95 -17.55 -19.98
CA ASN A 423 3.86 -17.72 -18.52
C ASN A 423 3.38 -19.16 -18.25
N SER A 424 3.28 -19.54 -16.98
CA SER A 424 2.87 -20.90 -16.58
C SER A 424 1.48 -21.24 -17.04
N VAL A 425 0.56 -20.25 -16.98
CA VAL A 425 -0.82 -20.49 -17.37
C VAL A 425 -0.86 -20.75 -18.88
N CYS A 426 -0.16 -19.92 -19.67
CA CYS A 426 -0.11 -20.08 -21.12
C CYS A 426 0.58 -21.35 -21.53
N ARG A 427 1.61 -21.77 -20.77
CA ARG A 427 2.26 -23.04 -21.03
C ARG A 427 1.23 -24.19 -20.88
N LEU A 428 0.44 -24.17 -19.80
CA LEU A 428 -0.61 -25.15 -19.63
C LEU A 428 -1.63 -25.13 -20.78
N MET A 429 -2.17 -23.95 -21.16
CA MET A 429 -3.15 -23.85 -22.25
C MET A 429 -2.64 -24.37 -23.60
N LYS A 430 -1.34 -24.24 -23.84
CA LYS A 430 -0.76 -24.69 -25.10
C LYS A 430 -0.32 -26.16 -25.09
N THR A 431 0.00 -26.69 -23.91
CA THR A 431 0.47 -28.08 -23.79
C THR A 431 -0.70 -29.06 -23.57
N ILE A 432 -1.39 -28.94 -22.42
CA ILE A 432 -2.52 -29.81 -22.06
C ILE A 432 -3.89 -29.25 -22.49
N GLY A 433 -3.93 -28.01 -22.98
CA GLY A 433 -5.17 -27.36 -23.36
C GLY A 433 -5.79 -26.61 -22.19
N PRO A 434 -6.63 -25.62 -22.51
CA PRO A 434 -7.33 -24.90 -21.44
C PRO A 434 -8.46 -25.76 -20.84
N ASP A 435 -8.82 -25.50 -19.58
CA ASP A 435 -9.93 -26.22 -18.95
C ASP A 435 -11.25 -25.84 -19.59
N MET A 436 -11.37 -24.56 -19.99
CA MET A 436 -12.57 -24.02 -20.62
C MET A 436 -12.19 -23.20 -21.86
N PHE A 437 -12.98 -23.31 -22.92
CA PHE A 437 -12.75 -22.60 -24.19
C PHE A 437 -14.02 -21.95 -24.63
N LEU A 438 -13.97 -20.64 -24.92
CA LEU A 438 -15.13 -19.93 -25.43
C LEU A 438 -15.04 -19.99 -26.98
N GLY A 439 -15.79 -20.89 -27.58
CA GLY A 439 -15.68 -21.18 -29.00
C GLY A 439 -16.45 -20.33 -29.98
N THR A 440 -17.28 -19.38 -29.50
CA THR A 440 -18.06 -18.57 -30.45
C THR A 440 -17.73 -17.09 -30.35
N CYS A 441 -17.17 -16.56 -31.42
CA CYS A 441 -16.85 -15.14 -31.49
C CYS A 441 -18.12 -14.36 -31.86
N ARG A 442 -18.59 -13.51 -30.97
CA ARG A 442 -19.79 -12.71 -31.22
C ARG A 442 -19.49 -11.32 -31.78
N ARG A 443 -18.23 -10.89 -31.76
CA ARG A 443 -17.87 -9.55 -32.19
C ARG A 443 -17.67 -9.39 -33.69
N CYS A 444 -16.89 -10.27 -34.30
CA CYS A 444 -16.38 -10.03 -35.63
C CYS A 444 -17.18 -10.59 -36.76
N PRO A 445 -17.17 -9.88 -37.93
CA PRO A 445 -17.79 -10.46 -39.14
C PRO A 445 -17.11 -11.81 -39.47
N ALA A 446 -17.86 -12.76 -40.02
CA ALA A 446 -17.34 -14.10 -40.30
C ALA A 446 -16.02 -14.13 -41.06
N GLU A 447 -15.75 -13.19 -42.00
CA GLU A 447 -14.47 -13.14 -42.73
C GLU A 447 -13.26 -13.15 -41.78
N ILE A 448 -13.32 -12.30 -40.74
CA ILE A 448 -12.32 -12.18 -39.70
C ILE A 448 -12.25 -13.42 -38.84
N VAL A 449 -13.42 -13.91 -38.34
CA VAL A 449 -13.46 -15.11 -37.52
C VAL A 449 -12.84 -16.33 -38.24
N ASP A 450 -13.17 -16.53 -39.53
CA ASP A 450 -12.69 -17.65 -40.32
C ASP A 450 -11.19 -17.58 -40.52
N THR A 451 -10.65 -16.34 -40.75
CA THR A 451 -9.22 -16.09 -40.95
C THR A 451 -8.39 -16.47 -39.70
N VAL A 452 -8.75 -15.93 -38.50
CA VAL A 452 -8.04 -16.19 -37.25
C VAL A 452 -8.27 -17.60 -36.73
N SER A 453 -9.48 -18.20 -36.96
CA SER A 453 -9.81 -19.56 -36.57
C SER A 453 -8.80 -20.50 -37.23
N ALA A 454 -8.51 -20.29 -38.53
CA ALA A 454 -7.53 -21.11 -39.25
C ALA A 454 -6.05 -20.72 -38.89
N LEU A 455 -5.81 -19.42 -38.63
CA LEU A 455 -4.48 -18.92 -38.34
C LEU A 455 -3.95 -19.39 -36.97
N VAL A 456 -4.70 -19.15 -35.87
CA VAL A 456 -4.22 -19.46 -34.51
C VAL A 456 -5.12 -20.40 -33.65
N TYR A 457 -6.33 -20.77 -34.13
CA TYR A 457 -7.24 -21.56 -33.28
C TYR A 457 -7.57 -22.95 -33.79
N ASP A 458 -6.73 -23.56 -34.65
CA ASP A 458 -6.98 -24.89 -35.22
C ASP A 458 -8.42 -25.13 -35.71
N ASN A 459 -9.05 -24.10 -36.30
CA ASN A 459 -10.40 -24.18 -36.86
C ASN A 459 -11.48 -24.47 -35.85
N LYS A 460 -11.27 -24.08 -34.58
CA LYS A 460 -12.23 -24.29 -33.48
C LYS A 460 -13.00 -23.03 -33.09
N LEU A 461 -12.62 -21.86 -33.63
CA LEU A 461 -13.34 -20.63 -33.32
C LEU A 461 -14.46 -20.50 -34.37
N LYS A 462 -15.70 -20.33 -33.90
CA LYS A 462 -16.84 -20.20 -34.79
C LYS A 462 -17.38 -18.79 -34.83
N ALA A 463 -18.00 -18.38 -35.96
CA ALA A 463 -18.55 -17.04 -36.08
C ALA A 463 -20.01 -17.02 -35.69
N HIS A 464 -20.40 -16.04 -34.86
CA HIS A 464 -21.80 -15.83 -34.50
C HIS A 464 -22.40 -14.91 -35.59
N LYS A 465 -21.66 -13.86 -36.02
CA LYS A 465 -22.12 -12.97 -37.04
C LYS A 465 -21.93 -13.64 -38.40
N ASP A 466 -22.69 -13.16 -39.38
CA ASP A 466 -22.56 -13.56 -40.78
C ASP A 466 -21.33 -12.74 -41.33
N LYS A 467 -20.91 -13.03 -42.58
CA LYS A 467 -19.94 -12.23 -43.28
C LYS A 467 -20.55 -10.81 -43.46
N SER A 468 -19.80 -9.77 -43.11
CA SER A 468 -20.30 -8.41 -43.23
C SER A 468 -20.23 -7.87 -44.64
N ALA A 469 -19.39 -8.50 -45.51
CA ALA A 469 -19.05 -8.06 -46.86
C ALA A 469 -18.34 -6.68 -46.85
N GLN A 470 -17.81 -6.27 -45.67
CA GLN A 470 -17.07 -5.04 -45.44
C GLN A 470 -15.64 -5.36 -44.96
N CYS A 471 -15.05 -6.47 -45.41
CA CYS A 471 -13.71 -6.87 -45.00
C CYS A 471 -12.89 -6.93 -46.23
N PHE A 472 -11.96 -5.97 -46.34
CA PHE A 472 -11.14 -5.78 -47.53
C PHE A 472 -9.65 -5.92 -47.26
N LYS A 473 -8.94 -6.35 -48.29
CA LYS A 473 -7.53 -6.53 -48.21
C LYS A 473 -6.87 -5.96 -49.48
N MET A 474 -5.71 -5.33 -49.30
CA MET A 474 -4.97 -4.78 -50.41
C MET A 474 -3.53 -5.09 -50.23
N PHE A 475 -2.90 -5.66 -51.25
CA PHE A 475 -1.50 -6.02 -51.18
C PHE A 475 -0.68 -4.86 -51.76
N TYR A 476 -0.11 -4.03 -50.88
CA TYR A 476 0.61 -2.84 -51.31
C TYR A 476 1.86 -2.59 -50.45
N LYS A 477 3.04 -2.96 -50.94
CA LYS A 477 4.27 -2.84 -50.14
C LYS A 477 4.65 -1.38 -49.82
N GLY A 478 4.32 -0.44 -50.71
CA GLY A 478 4.61 0.96 -50.49
C GLY A 478 6.08 1.27 -50.35
N VAL A 479 6.40 2.18 -49.41
CA VAL A 479 7.76 2.62 -49.15
C VAL A 479 7.93 2.69 -47.66
N ILE A 480 8.98 2.03 -47.16
CA ILE A 480 9.22 2.00 -45.73
C ILE A 480 10.30 2.99 -45.36
N THR A 481 9.94 3.93 -44.52
CA THR A 481 10.88 4.87 -43.96
C THR A 481 10.95 4.59 -42.45
N HIS A 482 11.92 5.16 -41.74
CA HIS A 482 12.03 4.94 -40.30
C HIS A 482 12.27 6.24 -39.50
N ASP A 483 11.63 6.33 -38.32
CA ASP A 483 11.77 7.38 -37.31
C ASP A 483 12.59 6.64 -36.26
N VAL A 484 13.92 6.70 -36.42
CA VAL A 484 14.90 5.98 -35.60
C VAL A 484 14.80 4.48 -36.01
N SER A 485 13.82 3.76 -35.48
CA SER A 485 13.60 2.33 -35.76
C SER A 485 12.10 2.05 -36.00
N SER A 486 11.21 2.88 -35.40
CA SER A 486 9.78 2.76 -35.61
C SER A 486 9.48 3.19 -37.07
N ALA A 487 8.77 2.35 -37.79
CA ALA A 487 8.55 2.46 -39.21
C ALA A 487 7.33 3.29 -39.60
N ILE A 488 7.40 3.85 -40.81
CA ILE A 488 6.36 4.64 -41.45
C ILE A 488 6.24 4.10 -42.90
N ASN A 489 5.02 4.03 -43.43
CA ASN A 489 4.75 3.67 -44.81
C ASN A 489 3.74 4.72 -45.34
N ARG A 490 4.25 5.89 -45.81
CA ARG A 490 3.38 6.94 -46.34
C ARG A 490 2.53 6.45 -47.52
N PRO A 491 3.06 5.71 -48.53
CA PRO A 491 2.16 5.18 -49.59
C PRO A 491 0.94 4.34 -49.08
N GLN A 492 1.11 3.54 -48.01
CA GLN A 492 0.00 2.79 -47.44
C GLN A 492 -1.05 3.72 -46.85
N ILE A 493 -0.61 4.83 -46.23
CA ILE A 493 -1.53 5.86 -45.72
C ILE A 493 -2.21 6.62 -46.89
N GLY A 494 -1.52 6.75 -48.03
CA GLY A 494 -2.05 7.37 -49.23
C GLY A 494 -3.14 6.51 -49.84
N VAL A 495 -2.93 5.20 -49.85
CA VAL A 495 -3.92 4.25 -50.32
C VAL A 495 -5.22 4.33 -49.43
N VAL A 496 -5.06 4.52 -48.10
CA VAL A 496 -6.14 4.66 -47.15
C VAL A 496 -6.91 5.97 -47.40
N ARG A 497 -6.21 7.05 -47.65
CA ARG A 497 -6.79 8.35 -47.96
C ARG A 497 -7.72 8.24 -49.21
N GLU A 498 -7.21 7.59 -50.28
CA GLU A 498 -7.92 7.34 -51.53
C GLU A 498 -9.18 6.46 -51.29
N PHE A 499 -9.06 5.48 -50.39
CA PHE A 499 -10.16 4.61 -50.04
C PHE A 499 -11.25 5.36 -49.27
N LEU A 500 -10.85 6.22 -48.28
CA LEU A 500 -11.77 7.00 -47.45
C LEU A 500 -12.68 7.92 -48.25
N THR A 501 -12.12 8.49 -49.33
CA THR A 501 -12.86 9.39 -50.23
C THR A 501 -14.03 8.62 -50.91
N ARG A 502 -13.81 7.35 -51.24
CA ARG A 502 -14.81 6.49 -51.88
C ARG A 502 -15.73 5.76 -50.91
N ASN A 503 -15.30 5.64 -49.65
CA ASN A 503 -16.02 4.88 -48.65
C ASN A 503 -16.23 5.74 -47.41
N PRO A 504 -17.13 6.75 -47.54
CA PRO A 504 -17.37 7.69 -46.44
C PRO A 504 -17.86 7.11 -45.12
N ALA A 505 -18.52 5.94 -45.15
CA ALA A 505 -18.94 5.29 -43.89
C ALA A 505 -17.71 5.00 -42.99
N TRP A 506 -16.55 4.75 -43.63
CA TRP A 506 -15.28 4.47 -42.99
C TRP A 506 -14.64 5.66 -42.32
N ARG A 507 -15.28 6.86 -42.42
CA ARG A 507 -14.86 8.10 -41.77
C ARG A 507 -14.71 7.88 -40.26
N LYS A 508 -15.52 7.00 -39.68
CA LYS A 508 -15.53 6.69 -38.26
C LYS A 508 -14.54 5.56 -37.85
N ALA A 509 -13.71 5.07 -38.80
CA ALA A 509 -12.78 3.97 -38.53
C ALA A 509 -11.64 4.37 -37.60
N VAL A 510 -11.12 3.37 -36.89
CA VAL A 510 -9.93 3.53 -36.06
C VAL A 510 -8.79 3.05 -36.90
N PHE A 511 -7.71 3.83 -36.98
CA PHE A 511 -6.51 3.46 -37.74
C PHE A 511 -5.60 2.62 -36.81
N ILE A 512 -5.21 1.45 -37.26
CA ILE A 512 -4.36 0.55 -36.51
C ILE A 512 -3.16 0.18 -37.36
N SER A 513 -1.99 0.12 -36.73
CA SER A 513 -0.76 -0.31 -37.36
C SER A 513 0.17 -0.85 -36.25
N PRO A 514 1.21 -1.61 -36.60
CA PRO A 514 2.13 -2.10 -35.56
C PRO A 514 3.16 -1.05 -35.09
N TYR A 515 3.06 0.23 -35.52
CA TYR A 515 4.06 1.27 -35.22
C TYR A 515 3.51 2.59 -34.81
N ASN A 516 4.06 3.17 -33.75
CA ASN A 516 3.67 4.51 -33.26
C ASN A 516 3.89 5.59 -34.34
N SER A 517 5.02 5.51 -35.03
CA SER A 517 5.36 6.50 -36.03
C SER A 517 4.44 6.45 -37.21
N GLN A 518 4.03 5.25 -37.65
CA GLN A 518 3.05 5.11 -38.72
C GLN A 518 1.72 5.78 -38.29
N ASN A 519 1.31 5.54 -37.03
CA ASN A 519 0.09 6.08 -36.44
C ASN A 519 0.12 7.60 -36.34
N ALA A 520 1.27 8.18 -35.99
CA ALA A 520 1.45 9.63 -35.87
C ALA A 520 1.28 10.31 -37.21
N VAL A 521 1.81 9.67 -38.30
CA VAL A 521 1.66 10.16 -39.66
C VAL A 521 0.19 10.04 -40.15
N ALA A 522 -0.44 8.86 -39.90
CA ALA A 522 -1.80 8.59 -40.30
C ALA A 522 -2.78 9.52 -39.61
N SER A 523 -2.52 9.89 -38.35
CA SER A 523 -3.37 10.78 -37.58
C SER A 523 -3.41 12.20 -38.19
N LYS A 524 -2.28 12.67 -38.71
CA LYS A 524 -2.18 13.98 -39.33
C LYS A 524 -2.76 13.96 -40.78
N ILE A 525 -2.46 12.92 -41.57
CA ILE A 525 -2.93 12.80 -42.95
C ILE A 525 -4.43 12.40 -43.08
N LEU A 526 -4.89 11.49 -42.21
CA LEU A 526 -6.25 10.98 -42.26
C LEU A 526 -7.20 11.57 -41.24
N GLY A 527 -6.68 11.99 -40.10
CA GLY A 527 -7.51 12.51 -39.02
C GLY A 527 -8.25 11.45 -38.23
N LEU A 528 -8.08 10.16 -38.60
CA LEU A 528 -8.70 9.04 -37.89
C LEU A 528 -8.05 8.88 -36.54
N PRO A 529 -8.83 8.48 -35.51
CA PRO A 529 -8.20 8.12 -34.23
C PRO A 529 -7.26 6.93 -34.47
N THR A 530 -6.17 6.91 -33.71
CA THR A 530 -5.13 5.96 -33.95
C THR A 530 -4.88 5.05 -32.73
N GLN A 531 -4.36 3.87 -33.02
CA GLN A 531 -4.09 2.87 -32.01
C GLN A 531 -3.06 1.87 -32.55
N THR A 532 -2.05 1.48 -31.75
CA THR A 532 -1.11 0.43 -32.16
C THR A 532 -1.82 -0.89 -31.92
N VAL A 533 -1.38 -1.98 -32.55
CA VAL A 533 -1.99 -3.29 -32.31
C VAL A 533 -1.97 -3.64 -30.82
N ASP A 534 -0.82 -3.40 -30.17
CA ASP A 534 -0.61 -3.71 -28.76
C ASP A 534 -1.56 -2.94 -27.85
N SER A 535 -1.77 -1.63 -28.11
CA SER A 535 -2.70 -0.85 -27.29
C SER A 535 -4.19 -1.07 -27.65
N SER A 536 -4.48 -1.68 -28.81
CA SER A 536 -5.85 -1.96 -29.22
C SER A 536 -6.39 -3.22 -28.54
N GLN A 537 -5.51 -4.10 -28.03
CA GLN A 537 -5.89 -5.35 -27.36
C GLN A 537 -6.93 -5.11 -26.26
N GLY A 538 -8.02 -5.86 -26.29
CA GLY A 538 -9.14 -5.74 -25.36
C GLY A 538 -10.22 -4.74 -25.76
N SER A 539 -9.97 -3.93 -26.81
CA SER A 539 -10.87 -2.89 -27.35
C SER A 539 -11.56 -3.34 -28.65
N GLU A 540 -12.70 -2.73 -28.98
CA GLU A 540 -13.41 -3.06 -30.21
C GLU A 540 -13.99 -1.82 -30.85
N TYR A 541 -13.98 -1.83 -32.16
CA TYR A 541 -14.44 -0.71 -32.96
C TYR A 541 -15.27 -1.24 -34.13
N ASP A 542 -16.26 -0.48 -34.64
CA ASP A 542 -17.05 -0.93 -35.79
C ASP A 542 -16.16 -1.11 -37.01
N TYR A 543 -15.31 -0.10 -37.27
CA TYR A 543 -14.44 -0.13 -38.42
C TYR A 543 -13.01 0.07 -38.02
N VAL A 544 -12.14 -0.71 -38.67
CA VAL A 544 -10.72 -0.71 -38.43
C VAL A 544 -10.02 -0.61 -39.75
N ILE A 545 -9.01 0.27 -39.84
CA ILE A 545 -8.16 0.35 -41.01
C ILE A 545 -6.79 -0.01 -40.52
N PHE A 546 -6.22 -1.10 -41.06
CA PHE A 546 -4.93 -1.56 -40.64
C PHE A 546 -3.91 -1.45 -41.76
N THR A 547 -2.76 -0.79 -41.53
CA THR A 547 -1.66 -0.80 -42.51
C THR A 547 -0.57 -1.64 -41.85
N GLN A 548 -0.18 -2.75 -42.48
CA GLN A 548 0.87 -3.58 -41.92
C GLN A 548 2.20 -2.83 -41.76
N THR A 549 2.41 -1.74 -42.54
CA THR A 549 3.59 -0.82 -42.59
C THR A 549 4.85 -1.50 -43.17
N THR A 550 5.29 -2.62 -42.59
CA THR A 550 6.50 -3.35 -43.02
C THR A 550 6.20 -4.87 -43.05
N GLU A 551 7.14 -5.70 -43.53
CA GLU A 551 7.00 -7.14 -43.43
C GLU A 551 8.10 -7.71 -42.54
N THR A 552 8.25 -7.12 -41.34
CA THR A 552 9.24 -7.59 -40.35
C THR A 552 8.68 -8.74 -39.46
N ALA A 553 9.50 -9.33 -38.56
CA ALA A 553 9.02 -10.31 -37.60
C ALA A 553 7.91 -9.67 -36.69
N HIS A 554 8.09 -8.38 -36.35
CA HIS A 554 7.15 -7.61 -35.55
C HIS A 554 5.76 -7.49 -36.21
N SER A 555 5.73 -7.04 -37.46
CA SER A 555 4.48 -6.82 -38.15
C SER A 555 3.86 -8.11 -38.73
N CYS A 556 4.63 -9.23 -38.81
CA CYS A 556 4.12 -10.53 -39.27
C CYS A 556 3.78 -11.48 -38.15
N ASN A 557 3.92 -11.03 -36.87
CA ASN A 557 3.71 -11.88 -35.72
C ASN A 557 2.23 -12.32 -35.74
N VAL A 558 1.95 -13.67 -35.82
CA VAL A 558 0.58 -14.14 -35.93
C VAL A 558 -0.28 -13.71 -34.74
N ASN A 559 0.28 -13.56 -33.50
CA ASN A 559 -0.53 -13.12 -32.34
C ASN A 559 -0.94 -11.66 -32.50
N ARG A 560 0.00 -10.81 -32.97
CA ARG A 560 -0.26 -9.41 -33.17
C ARG A 560 -1.26 -9.28 -34.35
N PHE A 561 -1.08 -10.08 -35.43
CA PHE A 561 -1.98 -10.05 -36.57
C PHE A 561 -3.44 -10.41 -36.18
N ASN A 562 -3.56 -11.47 -35.34
CA ASN A 562 -4.80 -11.95 -34.74
C ASN A 562 -5.46 -10.81 -33.95
N VAL A 563 -4.73 -10.13 -33.05
CA VAL A 563 -5.30 -9.02 -32.28
C VAL A 563 -5.72 -7.90 -33.20
N ALA A 564 -4.85 -7.54 -34.17
CA ALA A 564 -5.16 -6.47 -35.08
C ALA A 564 -6.50 -6.62 -35.83
N ILE A 565 -6.74 -7.77 -36.49
CA ILE A 565 -7.94 -7.91 -37.30
C ILE A 565 -9.21 -8.21 -36.49
N THR A 566 -9.07 -8.72 -35.24
CA THR A 566 -10.21 -9.04 -34.39
C THR A 566 -10.71 -7.83 -33.54
N ARG A 567 -10.26 -6.61 -33.83
CA ARG A 567 -10.78 -5.41 -33.13
C ARG A 567 -12.14 -4.95 -33.77
N ALA A 568 -12.36 -5.30 -35.05
CA ALA A 568 -13.48 -4.92 -35.88
C ALA A 568 -14.80 -5.67 -35.65
N LYS A 569 -15.86 -4.91 -35.40
CA LYS A 569 -17.23 -5.43 -35.23
C LYS A 569 -17.95 -5.51 -36.57
N VAL A 570 -17.68 -4.55 -37.47
CA VAL A 570 -18.37 -4.45 -38.76
C VAL A 570 -17.46 -4.63 -39.99
N GLY A 571 -16.46 -3.77 -40.12
CA GLY A 571 -15.59 -3.81 -41.27
C GLY A 571 -14.12 -3.62 -40.97
N ILE A 572 -13.28 -4.12 -41.86
CA ILE A 572 -11.86 -3.97 -41.77
C ILE A 572 -11.26 -3.76 -43.15
N LEU A 573 -10.30 -2.83 -43.25
CA LEU A 573 -9.51 -2.64 -44.44
C LEU A 573 -8.08 -3.02 -44.01
N CYS A 574 -7.45 -3.97 -44.68
CA CYS A 574 -6.08 -4.39 -44.39
C CYS A 574 -5.17 -4.10 -45.53
N ILE A 575 -4.23 -3.14 -45.39
CA ILE A 575 -3.24 -2.83 -46.44
C ILE A 575 -2.01 -3.63 -45.97
N MET A 576 -1.69 -4.69 -46.70
CA MET A 576 -0.68 -5.67 -46.38
C MET A 576 0.63 -5.53 -47.12
N SER A 577 1.70 -5.89 -46.43
CA SER A 577 3.08 -5.92 -46.94
C SER A 577 3.51 -7.38 -47.18
N ASP A 578 3.07 -8.30 -46.33
CA ASP A 578 3.45 -9.71 -46.36
C ASP A 578 2.48 -10.53 -47.20
N ARG A 579 3.00 -11.25 -48.21
CA ARG A 579 2.19 -12.05 -49.10
C ARG A 579 1.47 -13.21 -48.40
N ASP A 580 2.16 -13.88 -47.49
CA ASP A 580 1.66 -14.99 -46.67
C ASP A 580 0.37 -14.57 -45.92
N LEU A 581 0.47 -13.60 -45.01
CA LEU A 581 -0.69 -13.13 -44.26
C LEU A 581 -1.76 -12.52 -45.17
N TYR A 582 -1.37 -11.88 -46.30
CA TYR A 582 -2.36 -11.31 -47.22
C TYR A 582 -3.20 -12.47 -47.82
N ASP A 583 -2.54 -13.57 -48.23
CA ASP A 583 -3.20 -14.72 -48.82
C ASP A 583 -4.10 -15.46 -47.82
N LYS A 584 -3.77 -15.38 -46.52
CA LYS A 584 -4.55 -16.00 -45.47
C LYS A 584 -5.79 -15.18 -45.14
N LEU A 585 -5.80 -13.85 -45.40
CA LEU A 585 -6.98 -13.03 -45.13
C LEU A 585 -8.15 -13.47 -46.07
N GLN A 586 -9.27 -13.88 -45.47
CA GLN A 586 -10.47 -14.33 -46.22
C GLN A 586 -11.38 -13.14 -46.46
N PHE A 587 -10.79 -12.11 -47.13
CA PHE A 587 -11.37 -10.81 -47.37
C PHE A 587 -11.46 -10.58 -48.85
N THR A 588 -12.30 -9.65 -49.24
CA THR A 588 -12.46 -9.23 -50.62
C THR A 588 -11.20 -8.38 -50.97
N SER A 589 -10.51 -8.71 -52.06
CA SER A 589 -9.34 -7.94 -52.44
C SER A 589 -9.74 -6.71 -53.21
N LEU A 590 -9.06 -5.61 -52.93
CA LEU A 590 -9.24 -4.35 -53.64
C LEU A 590 -8.02 -4.13 -54.55
N GLU A 591 -8.23 -3.41 -55.68
CA GLU A 591 -7.18 -3.06 -56.64
C GLU A 591 -6.71 -1.58 -56.37
N ILE A 592 -5.60 -1.12 -57.05
CA ILE A 592 -4.93 0.22 -57.04
C ILE A 592 -3.60 0.06 -56.27
N VAL B 2 -21.09 -15.11 6.25
CA VAL B 2 -21.07 -15.61 7.62
C VAL B 2 -19.83 -15.14 8.37
N GLY B 3 -19.96 -15.05 9.69
CA GLY B 3 -18.92 -14.61 10.60
C GLY B 3 -19.08 -15.09 12.03
N ALA B 4 -18.34 -14.48 12.96
CA ALA B 4 -18.37 -14.87 14.37
C ALA B 4 -18.78 -13.68 15.25
N CYS B 5 -19.78 -13.90 16.12
CA CYS B 5 -20.37 -12.91 17.02
C CYS B 5 -19.32 -12.12 17.81
N VAL B 6 -19.47 -10.78 17.83
CA VAL B 6 -18.53 -9.94 18.57
C VAL B 6 -18.73 -10.10 20.09
N LEU B 7 -19.95 -10.44 20.57
CA LEU B 7 -20.19 -10.61 22.01
C LEU B 7 -20.03 -12.04 22.56
N CYS B 8 -20.28 -13.07 21.73
CA CYS B 8 -20.31 -14.49 22.16
C CYS B 8 -19.43 -15.43 21.32
N ASN B 9 -18.94 -14.96 20.16
CA ASN B 9 -18.17 -15.76 19.19
C ASN B 9 -19.00 -16.79 18.43
N SER B 10 -20.29 -17.01 18.82
CA SER B 10 -21.18 -17.97 18.16
C SER B 10 -21.30 -17.68 16.68
N GLN B 11 -21.08 -18.72 15.83
CA GLN B 11 -21.14 -18.69 14.35
C GLN B 11 -22.42 -18.01 13.92
N THR B 12 -22.33 -17.06 12.97
CA THR B 12 -23.49 -16.25 12.64
C THR B 12 -23.61 -15.78 11.22
N SER B 13 -24.85 -15.73 10.73
CA SER B 13 -25.16 -15.19 9.42
C SER B 13 -25.71 -13.73 9.50
N LEU B 14 -25.80 -13.15 10.70
CA LEU B 14 -26.31 -11.81 10.91
C LEU B 14 -25.19 -10.81 11.17
N ARG B 15 -25.44 -9.58 10.79
CA ARG B 15 -24.60 -8.43 11.01
C ARG B 15 -25.54 -7.29 11.31
N CYS B 16 -25.20 -6.39 12.26
CA CYS B 16 -26.04 -5.22 12.47
C CYS B 16 -25.77 -4.24 11.37
N GLY B 17 -26.82 -3.89 10.64
CA GLY B 17 -26.75 -2.96 9.52
C GLY B 17 -26.76 -1.51 9.96
N ALA B 18 -27.26 -1.21 11.18
CA ALA B 18 -27.25 0.17 11.67
C ALA B 18 -25.89 0.53 12.35
N CYS B 19 -25.11 -0.48 12.79
CA CYS B 19 -23.78 -0.28 13.37
C CYS B 19 -22.89 0.18 12.24
N ILE B 20 -22.10 1.24 12.47
CA ILE B 20 -21.21 1.73 11.41
C ILE B 20 -20.11 0.69 11.06
N ARG B 21 -19.85 -0.30 11.93
CA ARG B 21 -18.89 -1.36 11.64
C ARG B 21 -19.51 -2.69 11.20
N ARG B 22 -20.86 -2.77 11.15
CA ARG B 22 -21.61 -3.97 10.79
C ARG B 22 -21.09 -5.24 11.48
N PRO B 23 -21.03 -5.27 12.83
CA PRO B 23 -20.50 -6.46 13.50
C PRO B 23 -21.39 -7.68 13.40
N PHE B 24 -20.76 -8.84 13.34
CA PHE B 24 -21.46 -10.10 13.36
C PHE B 24 -22.06 -10.26 14.77
N LEU B 25 -23.37 -10.51 14.83
CA LEU B 25 -24.10 -10.70 16.05
C LEU B 25 -24.90 -12.00 15.89
N CYS B 26 -24.82 -12.94 16.85
CA CYS B 26 -25.55 -14.20 16.75
C CYS B 26 -27.06 -13.98 16.87
N CYS B 27 -27.86 -15.04 16.73
CA CYS B 27 -29.30 -14.94 16.84
C CYS B 27 -29.74 -14.33 18.18
N LYS B 28 -29.09 -14.72 19.28
CA LYS B 28 -29.46 -14.17 20.59
C LYS B 28 -29.01 -12.73 20.77
N CYS B 29 -27.72 -12.42 20.48
CA CYS B 29 -27.13 -11.08 20.70
C CYS B 29 -27.65 -10.04 19.74
N CYS B 30 -28.01 -10.48 18.53
CA CYS B 30 -28.58 -9.58 17.54
C CYS B 30 -29.93 -9.08 18.02
N TYR B 31 -30.73 -9.99 18.58
CA TYR B 31 -32.03 -9.68 19.16
C TYR B 31 -31.88 -8.69 20.33
N ASP B 32 -30.99 -8.99 21.30
CA ASP B 32 -30.82 -8.12 22.46
C ASP B 32 -30.30 -6.74 22.09
N HIS B 33 -29.56 -6.61 20.96
CA HIS B 33 -29.11 -5.31 20.45
C HIS B 33 -30.27 -4.56 19.76
N VAL B 34 -31.00 -5.23 18.81
CA VAL B 34 -32.09 -4.59 18.07
C VAL B 34 -33.28 -4.21 18.95
N ILE B 35 -33.60 -5.01 19.98
CA ILE B 35 -34.74 -4.68 20.85
C ILE B 35 -34.40 -3.60 21.93
N SER B 36 -33.11 -3.34 22.17
CA SER B 36 -32.70 -2.36 23.19
C SER B 36 -32.17 -1.06 22.62
N THR B 37 -31.91 -0.98 21.30
CA THR B 37 -31.39 0.24 20.69
C THR B 37 -32.30 0.72 19.51
N SER B 38 -31.96 1.88 18.91
CA SER B 38 -32.59 2.38 17.69
C SER B 38 -32.10 1.56 16.44
N HIS B 39 -31.18 0.59 16.63
CA HIS B 39 -30.61 -0.18 15.54
C HIS B 39 -31.57 -1.29 15.14
N LYS B 40 -32.18 -1.19 13.96
CA LYS B 40 -33.14 -2.22 13.53
C LYS B 40 -32.78 -2.87 12.19
N LEU B 41 -31.78 -2.32 11.46
CA LEU B 41 -31.42 -2.94 10.19
C LEU B 41 -30.54 -4.15 10.49
N VAL B 42 -30.91 -5.33 9.98
CA VAL B 42 -30.13 -6.56 10.15
C VAL B 42 -29.66 -7.05 8.78
N LEU B 43 -28.40 -7.48 8.64
CA LEU B 43 -27.87 -7.92 7.37
C LEU B 43 -27.54 -9.40 7.40
N SER B 44 -27.64 -10.06 6.26
CA SER B 44 -27.34 -11.48 6.14
C SER B 44 -26.78 -11.69 4.71
N VAL B 45 -27.16 -12.79 4.01
CA VAL B 45 -26.84 -13.00 2.58
C VAL B 45 -27.55 -11.82 1.80
N ASN B 46 -28.78 -11.50 2.22
CA ASN B 46 -29.58 -10.36 1.78
C ASN B 46 -29.87 -9.47 3.04
N PRO B 47 -30.09 -8.15 2.87
CA PRO B 47 -30.50 -7.35 4.02
C PRO B 47 -31.94 -7.71 4.37
N TYR B 48 -32.23 -7.69 5.65
CA TYR B 48 -33.57 -7.98 6.12
C TYR B 48 -34.34 -6.72 5.90
N VAL B 49 -34.95 -6.65 4.73
CA VAL B 49 -35.76 -5.53 4.24
C VAL B 49 -36.95 -6.14 3.46
N CYS B 50 -38.09 -5.45 3.44
CA CYS B 50 -39.26 -5.94 2.72
C CYS B 50 -39.03 -6.02 1.21
N ASN B 51 -39.23 -7.21 0.67
CA ASN B 51 -39.06 -7.52 -0.74
C ASN B 51 -40.22 -7.00 -1.61
N ALA B 52 -41.38 -6.66 -1.01
CA ALA B 52 -42.53 -6.14 -1.76
C ALA B 52 -42.13 -4.84 -2.46
N PRO B 53 -42.54 -4.67 -3.73
CA PRO B 53 -42.12 -3.48 -4.49
C PRO B 53 -42.46 -2.13 -3.87
N GLY B 54 -41.45 -1.26 -3.77
CA GLY B 54 -41.59 0.09 -3.23
C GLY B 54 -41.86 0.19 -1.74
N CYS B 55 -41.70 -0.92 -1.01
CA CYS B 55 -41.91 -0.90 0.43
C CYS B 55 -40.61 -0.55 1.14
N ASP B 56 -40.70 0.33 2.14
CA ASP B 56 -39.53 0.80 2.88
C ASP B 56 -39.40 0.21 4.30
N VAL B 57 -39.96 -1.00 4.57
CA VAL B 57 -39.80 -1.60 5.90
C VAL B 57 -38.45 -2.29 6.02
N THR B 58 -37.55 -1.73 6.86
CA THR B 58 -36.18 -2.22 7.14
C THR B 58 -36.01 -2.72 8.59
N ASP B 59 -36.97 -2.42 9.48
CA ASP B 59 -36.98 -2.82 10.89
C ASP B 59 -37.23 -4.33 10.99
N VAL B 60 -36.24 -5.09 11.51
CA VAL B 60 -36.24 -6.55 11.71
C VAL B 60 -37.43 -7.05 12.60
N THR B 61 -37.86 -6.20 13.56
CA THR B 61 -38.96 -6.51 14.47
C THR B 61 -40.35 -6.45 13.76
N GLN B 62 -40.41 -5.71 12.62
CA GLN B 62 -41.59 -5.54 11.79
C GLN B 62 -41.47 -6.35 10.47
N LEU B 63 -40.59 -7.37 10.42
CA LEU B 63 -40.36 -8.19 9.23
C LEU B 63 -40.53 -9.71 9.50
N TYR B 64 -40.80 -10.49 8.43
CA TYR B 64 -41.07 -11.93 8.43
C TYR B 64 -40.39 -12.65 7.24
N LEU B 65 -40.20 -13.99 7.30
CA LEU B 65 -39.66 -14.78 6.18
C LEU B 65 -40.80 -15.51 5.41
N GLY B 66 -41.04 -15.09 4.17
CA GLY B 66 -42.05 -15.64 3.27
C GLY B 66 -41.42 -16.52 2.21
N GLY B 67 -41.19 -17.78 2.58
CA GLY B 67 -40.52 -18.73 1.72
C GLY B 67 -39.03 -18.55 1.82
N MET B 68 -38.46 -17.83 0.86
CA MET B 68 -37.03 -17.51 0.85
C MET B 68 -36.76 -15.99 0.94
N SER B 69 -37.79 -15.16 0.68
CA SER B 69 -37.71 -13.71 0.73
C SER B 69 -38.22 -13.13 2.08
N TYR B 70 -38.07 -11.81 2.30
CA TYR B 70 -38.44 -11.15 3.55
C TYR B 70 -39.54 -10.11 3.29
N TYR B 71 -40.58 -10.05 4.15
CA TYR B 71 -41.68 -9.09 3.94
C TYR B 71 -42.17 -8.51 5.26
N CYS B 72 -42.77 -7.32 5.23
CA CYS B 72 -43.34 -6.72 6.43
C CYS B 72 -44.75 -7.32 6.77
N LYS B 73 -45.40 -6.81 7.84
CA LYS B 73 -46.73 -7.26 8.26
C LYS B 73 -47.80 -6.98 7.19
N SER B 74 -47.60 -5.93 6.34
CA SER B 74 -48.52 -5.54 5.27
C SER B 74 -48.35 -6.34 3.97
N HIS B 75 -47.18 -6.94 3.76
CA HIS B 75 -46.90 -7.66 2.52
C HIS B 75 -46.57 -9.13 2.68
N LYS B 76 -46.54 -9.64 3.91
CA LYS B 76 -46.18 -11.04 4.12
C LYS B 76 -47.21 -12.04 3.56
N PRO B 77 -46.74 -13.19 3.04
CA PRO B 77 -47.69 -14.21 2.58
C PRO B 77 -48.36 -14.96 3.75
N PRO B 78 -49.46 -15.72 3.54
CA PRO B 78 -50.08 -16.45 4.67
C PRO B 78 -49.10 -17.34 5.45
N ILE B 79 -48.22 -18.06 4.72
CA ILE B 79 -47.23 -18.90 5.35
C ILE B 79 -45.90 -18.13 5.52
N SER B 80 -45.66 -17.64 6.76
CA SER B 80 -44.47 -16.88 7.11
C SER B 80 -44.20 -16.90 8.62
N PHE B 81 -42.96 -16.62 9.05
CA PHE B 81 -42.62 -16.56 10.47
C PHE B 81 -41.83 -15.29 10.80
N PRO B 82 -42.09 -14.66 11.96
CA PRO B 82 -41.38 -13.42 12.30
C PRO B 82 -39.89 -13.58 12.53
N LEU B 83 -39.10 -12.64 12.00
CA LEU B 83 -37.65 -12.67 12.20
C LEU B 83 -37.29 -12.50 13.70
N CYS B 84 -38.09 -11.72 14.46
CA CYS B 84 -37.92 -11.50 15.90
C CYS B 84 -38.91 -12.26 16.74
N ALA B 85 -38.42 -13.24 17.48
CA ALA B 85 -39.26 -14.04 18.38
C ALA B 85 -38.41 -14.90 19.30
N ASN B 86 -38.90 -15.21 20.51
CA ASN B 86 -38.21 -16.05 21.52
C ASN B 86 -36.76 -15.59 21.80
N GLY B 87 -36.55 -14.27 21.81
CA GLY B 87 -35.22 -13.72 22.07
C GLY B 87 -34.16 -13.98 21.01
N GLN B 88 -34.61 -14.23 19.76
CA GLN B 88 -33.70 -14.51 18.67
C GLN B 88 -34.11 -13.81 17.35
N VAL B 89 -33.10 -13.51 16.52
CA VAL B 89 -33.29 -12.96 15.17
C VAL B 89 -33.01 -14.15 14.22
N PHE B 90 -33.95 -14.44 13.28
CA PHE B 90 -33.75 -15.57 12.37
C PHE B 90 -32.48 -15.44 11.54
N GLY B 91 -31.63 -16.43 11.63
CA GLY B 91 -30.39 -16.50 10.87
C GLY B 91 -29.81 -17.89 10.89
N LEU B 92 -28.71 -18.12 10.17
CA LEU B 92 -28.02 -19.41 10.16
C LEU B 92 -27.39 -19.69 11.53
N TYR B 93 -27.13 -20.98 11.85
CA TYR B 93 -26.51 -21.42 13.10
C TYR B 93 -27.33 -21.05 14.34
N LYS B 94 -28.67 -21.08 14.20
CA LYS B 94 -29.62 -20.75 15.29
C LYS B 94 -29.60 -21.77 16.44
N ASN B 95 -28.97 -22.95 16.21
CA ASN B 95 -28.78 -24.02 17.19
C ASN B 95 -27.52 -23.76 18.05
N THR B 96 -26.40 -23.33 17.41
CA THR B 96 -25.16 -22.95 18.10
C THR B 96 -25.27 -21.44 18.40
N CYS B 97 -25.80 -21.11 19.58
CA CYS B 97 -26.07 -19.73 19.97
C CYS B 97 -25.98 -19.63 21.50
N VAL B 98 -25.14 -18.73 22.04
CA VAL B 98 -24.94 -18.63 23.49
C VAL B 98 -25.64 -17.43 24.17
N GLY B 99 -25.41 -16.21 23.67
CA GLY B 99 -25.98 -14.99 24.25
C GLY B 99 -25.12 -14.40 25.35
N SER B 100 -25.35 -13.14 25.71
CA SER B 100 -24.60 -12.48 26.79
C SER B 100 -25.59 -11.81 27.73
N ASP B 101 -25.40 -12.01 29.06
CA ASP B 101 -26.27 -11.44 30.09
C ASP B 101 -26.25 -9.91 30.15
N ASN B 102 -25.14 -9.30 29.68
CA ASN B 102 -24.96 -7.84 29.65
C ASN B 102 -24.42 -7.33 28.30
N VAL B 103 -25.34 -7.21 27.35
CA VAL B 103 -25.16 -6.61 26.03
C VAL B 103 -25.13 -5.03 26.16
N THR B 104 -25.23 -4.51 27.40
CA THR B 104 -25.33 -3.11 27.79
C THR B 104 -24.12 -2.31 27.35
N ASP B 105 -22.90 -2.84 27.53
CA ASP B 105 -21.67 -2.16 27.12
C ASP B 105 -21.57 -2.10 25.59
N PHE B 106 -21.91 -3.22 24.87
CA PHE B 106 -21.90 -3.27 23.42
C PHE B 106 -22.86 -2.22 22.84
N ASN B 107 -24.03 -2.07 23.43
CA ASN B 107 -25.05 -1.13 22.97
C ASN B 107 -24.54 0.29 23.07
N ALA B 108 -23.86 0.61 24.19
CA ALA B 108 -23.28 1.95 24.42
C ALA B 108 -22.10 2.25 23.47
N ILE B 109 -21.26 1.24 23.14
CA ILE B 109 -20.18 1.45 22.18
C ILE B 109 -20.75 1.66 20.76
N ALA B 110 -21.79 0.88 20.39
CA ALA B 110 -22.45 0.90 19.09
C ALA B 110 -23.17 2.22 18.77
N THR B 111 -23.79 2.83 19.79
CA THR B 111 -24.65 4.01 19.65
C THR B 111 -24.04 5.36 20.07
N CYS B 112 -22.96 5.35 20.89
CA CYS B 112 -22.35 6.60 21.34
C CYS B 112 -21.73 7.43 20.18
N ASP B 113 -21.67 8.76 20.36
CA ASP B 113 -21.11 9.67 19.37
C ASP B 113 -19.60 9.96 19.57
N TRP B 114 -18.98 9.41 20.65
CA TRP B 114 -17.56 9.56 20.97
C TRP B 114 -17.15 10.99 21.32
N THR B 115 -18.11 11.83 21.76
CA THR B 115 -17.80 13.23 22.12
C THR B 115 -17.54 13.40 23.65
N ASN B 116 -17.86 12.38 24.47
CA ASN B 116 -17.71 12.42 25.92
C ASN B 116 -16.53 11.56 26.37
N ALA B 117 -15.89 11.93 27.51
CA ALA B 117 -14.77 11.16 28.06
C ALA B 117 -15.22 9.74 28.49
N GLY B 118 -16.43 9.63 29.02
CA GLY B 118 -17.02 8.38 29.47
C GLY B 118 -17.11 7.30 28.42
N ASP B 119 -17.14 7.71 27.12
CA ASP B 119 -17.18 6.79 25.96
C ASP B 119 -15.84 6.09 25.79
N TYR B 120 -14.75 6.84 26.04
CA TYR B 120 -13.37 6.37 25.97
C TYR B 120 -13.02 5.53 27.21
N ILE B 121 -13.61 5.89 28.38
CA ILE B 121 -13.43 5.15 29.62
C ILE B 121 -14.01 3.76 29.42
N LEU B 122 -15.27 3.69 28.91
CA LEU B 122 -15.96 2.44 28.60
C LEU B 122 -15.18 1.62 27.60
N ALA B 123 -14.70 2.23 26.48
CA ALA B 123 -13.91 1.52 25.45
C ALA B 123 -12.57 0.91 25.97
N ASN B 124 -12.13 1.32 27.18
CA ASN B 124 -10.91 0.76 27.74
C ASN B 124 -11.14 -0.18 28.90
N THR B 125 -12.30 -0.10 29.56
CA THR B 125 -12.61 -0.96 30.70
C THR B 125 -13.52 -2.14 30.34
N CYS B 126 -14.03 -2.22 29.10
CA CYS B 126 -14.91 -3.31 28.59
C CYS B 126 -14.08 -4.59 28.31
N THR B 127 -14.74 -5.68 27.86
CA THR B 127 -14.02 -6.91 27.54
C THR B 127 -13.02 -6.68 26.39
N GLU B 128 -12.08 -7.61 26.19
CA GLU B 128 -11.11 -7.48 25.13
C GLU B 128 -11.75 -7.40 23.75
N ARG B 129 -12.77 -8.21 23.48
CA ARG B 129 -13.44 -8.19 22.16
C ARG B 129 -14.23 -6.87 21.93
N LEU B 130 -14.71 -6.27 23.01
CA LEU B 130 -15.39 -4.99 22.95
C LEU B 130 -14.43 -3.81 22.84
N LYS B 131 -13.15 -4.00 23.27
CA LYS B 131 -12.09 -3.01 23.13
C LYS B 131 -11.79 -2.89 21.63
N LEU B 132 -11.74 -4.02 20.89
CA LEU B 132 -11.49 -4.01 19.44
C LEU B 132 -12.66 -3.37 18.68
N PHE B 133 -13.90 -3.75 19.05
CA PHE B 133 -15.10 -3.21 18.45
C PHE B 133 -15.18 -1.70 18.68
N ALA B 134 -14.92 -1.23 19.93
CA ALA B 134 -14.94 0.20 20.25
C ALA B 134 -13.86 0.97 19.49
N ALA B 135 -12.66 0.35 19.30
CA ALA B 135 -11.54 0.95 18.59
C ALA B 135 -11.82 1.13 17.10
N GLU B 136 -12.46 0.13 16.46
CA GLU B 136 -12.85 0.19 15.07
C GLU B 136 -13.97 1.22 14.90
N THR B 137 -14.99 1.18 15.80
CA THR B 137 -16.16 2.05 15.74
C THR B 137 -15.73 3.50 15.83
N LEU B 138 -14.87 3.80 16.82
CA LEU B 138 -14.34 5.14 17.06
C LEU B 138 -13.51 5.60 15.87
N LYS B 139 -12.58 4.78 15.35
CA LYS B 139 -11.75 5.20 14.21
C LYS B 139 -12.59 5.44 12.98
N ALA B 140 -13.57 4.59 12.74
CA ALA B 140 -14.47 4.76 11.60
C ALA B 140 -15.27 6.04 11.77
N THR B 141 -15.75 6.33 13.01
CA THR B 141 -16.51 7.55 13.32
C THR B 141 -15.63 8.78 13.08
N GLU B 142 -14.36 8.74 13.53
CA GLU B 142 -13.37 9.79 13.36
C GLU B 142 -13.07 10.08 11.88
N GLU B 143 -12.92 9.02 11.02
CA GLU B 143 -12.61 9.15 9.59
C GLU B 143 -13.77 9.76 8.82
N THR B 144 -14.98 9.27 9.15
CA THR B 144 -16.23 9.73 8.54
C THR B 144 -16.51 11.19 8.96
N PHE B 145 -16.15 11.58 10.19
CA PHE B 145 -16.28 12.95 10.65
C PHE B 145 -15.40 13.88 9.81
N LYS B 146 -14.28 13.40 9.25
CA LYS B 146 -13.42 14.22 8.42
C LYS B 146 -14.08 14.61 7.10
N LEU B 147 -15.01 13.77 6.60
CA LEU B 147 -15.81 13.99 5.39
C LEU B 147 -16.87 15.07 5.61
N SER B 148 -17.30 15.32 6.87
CA SER B 148 -18.30 16.34 7.22
C SER B 148 -17.85 17.79 6.96
N TYR B 149 -16.53 17.99 6.92
CA TYR B 149 -15.95 19.28 6.70
C TYR B 149 -16.09 19.71 5.24
N GLY B 150 -16.21 21.01 5.03
CA GLY B 150 -16.34 21.59 3.70
C GLY B 150 -15.00 21.63 2.99
N ILE B 151 -15.03 21.53 1.65
CA ILE B 151 -13.88 21.59 0.75
C ILE B 151 -13.39 23.04 0.66
N ALA B 152 -12.08 23.28 0.84
CA ALA B 152 -11.47 24.61 0.73
C ALA B 152 -10.81 24.74 -0.67
N THR B 153 -11.12 25.81 -1.40
CA THR B 153 -10.60 26.01 -2.74
C THR B 153 -9.81 27.32 -2.79
N VAL B 154 -8.69 27.37 -3.52
CA VAL B 154 -7.90 28.61 -3.66
C VAL B 154 -8.71 29.65 -4.45
N ARG B 155 -8.99 30.79 -3.83
CA ARG B 155 -9.74 31.86 -4.47
C ARG B 155 -8.80 32.93 -5.10
N GLU B 156 -7.58 33.04 -4.57
CA GLU B 156 -6.62 34.03 -4.99
C GLU B 156 -5.31 33.67 -4.34
N VAL B 157 -4.30 33.35 -5.15
CA VAL B 157 -2.98 33.07 -4.60
C VAL B 157 -2.39 34.46 -4.35
N LEU B 158 -2.68 35.02 -3.15
CA LEU B 158 -2.27 36.37 -2.74
C LEU B 158 -0.73 36.55 -2.81
N SER B 159 0.01 35.50 -2.43
CA SER B 159 1.47 35.48 -2.47
C SER B 159 1.97 34.03 -2.22
N ASP B 160 3.28 33.86 -2.04
CA ASP B 160 3.84 32.57 -1.66
C ASP B 160 3.61 32.47 -0.14
N ARG B 161 3.27 31.26 0.34
CA ARG B 161 2.99 30.99 1.75
C ARG B 161 1.64 31.59 2.24
N GLU B 162 0.93 32.37 1.40
CA GLU B 162 -0.37 32.94 1.78
C GLU B 162 -1.44 32.78 0.68
N LEU B 163 -2.65 32.31 1.07
CA LEU B 163 -3.80 32.08 0.18
C LEU B 163 -5.08 32.76 0.65
N HIS B 164 -5.99 33.05 -0.27
CA HIS B 164 -7.30 33.58 0.07
C HIS B 164 -8.22 32.41 -0.19
N LEU B 165 -8.63 31.65 0.85
CA LEU B 165 -9.43 30.45 0.62
C LEU B 165 -10.97 30.68 0.52
N SER B 166 -11.62 29.80 -0.27
CA SER B 166 -13.06 29.78 -0.56
C SER B 166 -13.62 28.47 0.03
N TRP B 167 -14.51 28.57 1.02
CA TRP B 167 -15.04 27.38 1.70
C TRP B 167 -16.40 26.93 1.21
N GLU B 168 -16.63 25.61 1.23
CA GLU B 168 -17.89 25.00 0.80
C GLU B 168 -19.05 25.36 1.75
N VAL B 169 -20.15 25.89 1.18
CA VAL B 169 -21.34 26.31 1.90
C VAL B 169 -22.14 25.10 2.41
N GLY B 170 -22.72 25.25 3.59
CA GLY B 170 -23.48 24.18 4.24
C GLY B 170 -22.64 23.36 5.20
N LYS B 171 -21.51 22.81 4.68
CA LYS B 171 -20.58 22.00 5.46
C LYS B 171 -19.65 22.90 6.32
N PRO B 172 -19.45 22.54 7.60
CA PRO B 172 -18.61 23.37 8.47
C PRO B 172 -17.13 23.41 8.10
N ARG B 173 -16.37 24.38 8.64
CA ARG B 173 -14.95 24.50 8.34
C ARG B 173 -14.10 23.92 9.48
N PRO B 174 -13.08 23.13 9.13
CA PRO B 174 -12.22 22.54 10.17
C PRO B 174 -11.23 23.51 10.80
N PRO B 175 -10.79 23.21 12.05
CA PRO B 175 -9.80 24.10 12.71
C PRO B 175 -8.51 24.20 11.91
N LEU B 176 -8.03 25.43 11.71
CA LEU B 176 -6.83 25.66 10.93
C LEU B 176 -5.57 25.61 11.77
N ASN B 177 -5.09 24.39 12.05
CA ASN B 177 -3.86 24.13 12.81
C ASN B 177 -3.15 22.83 12.35
N ARG B 178 -1.87 22.64 12.73
CA ARG B 178 -1.04 21.47 12.34
C ARG B 178 -1.70 20.12 12.65
N ASN B 179 -2.66 20.10 13.60
CA ASN B 179 -3.44 18.91 13.95
C ASN B 179 -4.37 18.45 12.79
N TYR B 180 -4.53 19.29 11.75
CA TYR B 180 -5.36 19.02 10.58
C TYR B 180 -4.52 19.14 9.30
N VAL B 181 -4.26 18.00 8.65
CA VAL B 181 -3.48 17.93 7.42
C VAL B 181 -4.37 17.72 6.17
N PHE B 182 -4.38 18.70 5.27
CA PHE B 182 -5.17 18.69 4.04
C PHE B 182 -4.42 18.01 2.92
N THR B 183 -4.99 17.98 1.71
CA THR B 183 -4.34 17.42 0.55
C THR B 183 -4.82 18.23 -0.63
N GLY B 184 -3.89 18.87 -1.31
CA GLY B 184 -4.21 19.71 -2.45
C GLY B 184 -4.50 18.88 -3.68
N TYR B 185 -5.30 19.41 -4.59
CA TYR B 185 -5.69 18.73 -5.82
C TYR B 185 -5.85 19.72 -6.98
N ARG B 186 -5.54 19.32 -8.24
CA ARG B 186 -5.74 20.17 -9.44
C ARG B 186 -6.86 19.59 -10.35
N VAL B 187 -7.85 20.43 -10.73
CA VAL B 187 -8.98 19.97 -11.53
C VAL B 187 -8.58 19.65 -12.98
N THR B 188 -8.38 18.36 -13.32
CA THR B 188 -7.99 17.90 -14.67
C THR B 188 -9.24 17.82 -15.63
N LYS B 189 -9.07 17.33 -16.90
CA LYS B 189 -10.14 17.18 -17.89
C LYS B 189 -11.42 16.58 -17.27
N ASN B 190 -11.29 15.41 -16.62
CA ASN B 190 -12.43 14.80 -15.93
C ASN B 190 -11.98 13.96 -14.71
N SER B 191 -11.09 14.55 -13.86
CA SER B 191 -10.57 13.92 -12.63
C SER B 191 -9.77 14.93 -11.76
N LYS B 192 -9.24 14.49 -10.60
CA LYS B 192 -8.42 15.31 -9.70
C LYS B 192 -7.08 14.63 -9.44
N VAL B 193 -5.98 15.37 -9.62
CA VAL B 193 -4.65 14.81 -9.39
C VAL B 193 -4.05 15.32 -8.07
N GLN B 194 -3.59 14.38 -7.17
CA GLN B 194 -3.00 14.70 -5.86
C GLN B 194 -1.82 15.67 -6.03
N ILE B 195 -1.76 16.68 -5.17
CA ILE B 195 -0.71 17.68 -5.25
C ILE B 195 0.05 17.83 -3.90
N GLY B 196 0.12 16.73 -3.14
CA GLY B 196 0.83 16.73 -1.87
C GLY B 196 -0.04 17.20 -0.70
N GLU B 197 0.36 16.87 0.53
CA GLU B 197 -0.42 17.25 1.71
C GLU B 197 -0.11 18.68 2.15
N TYR B 198 -1.08 19.38 2.75
CA TYR B 198 -0.90 20.78 3.14
C TYR B 198 -1.56 21.10 4.46
N THR B 199 -0.86 21.76 5.40
CA THR B 199 -1.51 22.22 6.64
C THR B 199 -1.66 23.76 6.57
N PHE B 200 -2.57 24.33 7.36
CA PHE B 200 -2.83 25.78 7.32
C PHE B 200 -2.87 26.46 8.70
N GLU B 201 -3.01 27.81 8.74
CA GLU B 201 -3.11 28.65 9.93
C GLU B 201 -3.51 30.10 9.52
N LYS B 202 -4.40 30.77 10.29
CA LYS B 202 -4.88 32.14 10.03
C LYS B 202 -3.72 33.15 9.87
N GLY B 203 -3.81 34.04 8.88
CA GLY B 203 -2.74 35.02 8.62
C GLY B 203 -3.19 36.44 8.35
N ALA B 208 -8.08 35.25 4.65
CA ALA B 208 -6.63 35.24 4.43
C ALA B 208 -5.94 34.16 5.28
N VAL B 209 -5.38 33.13 4.63
CA VAL B 209 -4.72 32.01 5.31
C VAL B 209 -3.22 31.87 4.94
N VAL B 210 -2.46 31.08 5.73
CA VAL B 210 -1.04 30.80 5.56
C VAL B 210 -0.83 29.27 5.34
N TYR B 211 -0.15 28.85 4.24
CA TYR B 211 0.03 27.42 3.98
C TYR B 211 1.42 26.86 4.27
N ARG B 212 1.48 25.72 4.98
CA ARG B 212 2.72 25.03 5.33
C ARG B 212 2.68 23.61 4.73
N GLY B 213 2.68 23.54 3.41
CA GLY B 213 2.58 22.28 2.71
C GLY B 213 3.81 21.41 2.75
N THR B 214 3.60 20.09 2.79
CA THR B 214 4.65 19.06 2.79
C THR B 214 5.48 19.05 1.51
N THR B 215 4.99 19.68 0.44
CA THR B 215 5.69 19.73 -0.83
C THR B 215 5.76 21.16 -1.40
N THR B 216 6.60 21.35 -2.44
CA THR B 216 6.79 22.65 -3.09
C THR B 216 6.16 22.66 -4.52
N TYR B 217 4.92 23.19 -4.61
CA TYR B 217 4.16 23.32 -5.86
C TYR B 217 3.63 24.74 -5.93
N LYS B 218 3.69 25.39 -7.11
CA LYS B 218 3.17 26.75 -7.29
C LYS B 218 1.66 26.67 -7.52
N LEU B 219 0.88 26.38 -6.44
CA LEU B 219 -0.57 26.21 -6.49
C LEU B 219 -1.29 27.37 -7.19
N ASN B 220 -2.28 26.97 -7.96
CA ASN B 220 -3.07 27.86 -8.79
C ASN B 220 -4.49 28.00 -8.24
N VAL B 221 -5.12 29.14 -8.54
CA VAL B 221 -6.47 29.48 -8.13
C VAL B 221 -7.48 28.46 -8.67
N GLY B 222 -8.18 27.75 -7.79
CA GLY B 222 -9.11 26.70 -8.20
C GLY B 222 -8.74 25.33 -7.65
N ASP B 223 -7.50 25.20 -7.14
CA ASP B 223 -7.00 24.00 -6.47
C ASP B 223 -7.75 23.85 -5.14
N TYR B 224 -8.00 22.62 -4.71
CA TYR B 224 -8.79 22.41 -3.50
C TYR B 224 -8.10 21.47 -2.48
N PHE B 225 -8.52 21.59 -1.21
CA PHE B 225 -7.94 20.89 -0.07
C PHE B 225 -8.95 20.14 0.81
N VAL B 226 -8.73 18.85 1.02
CA VAL B 226 -9.58 18.05 1.87
C VAL B 226 -8.68 17.28 2.85
N LEU B 227 -9.17 17.04 4.08
CA LEU B 227 -8.47 16.25 5.08
C LEU B 227 -8.50 14.81 4.58
N THR B 228 -7.33 14.19 4.38
CA THR B 228 -7.30 12.84 3.83
C THR B 228 -7.95 11.84 4.77
N SER B 229 -8.95 11.16 4.25
CA SER B 229 -9.69 10.14 4.97
C SER B 229 -9.20 8.75 4.49
N HIS B 230 -9.23 7.77 5.37
CA HIS B 230 -8.75 6.44 5.07
C HIS B 230 -9.73 5.36 5.46
N THR B 231 -9.62 4.20 4.80
CA THR B 231 -10.44 3.02 5.06
C THR B 231 -9.97 2.36 6.38
N VAL B 232 -10.89 2.22 7.37
CA VAL B 232 -10.60 1.60 8.66
C VAL B 232 -10.77 0.07 8.53
N MET B 233 -9.68 -0.68 8.65
CA MET B 233 -9.72 -2.13 8.55
C MET B 233 -10.21 -2.79 9.83
N PRO B 234 -10.80 -4.00 9.76
CA PRO B 234 -11.26 -4.66 10.98
C PRO B 234 -10.08 -5.18 11.82
N LEU B 235 -10.31 -5.26 13.13
CA LEU B 235 -9.32 -5.67 14.12
C LEU B 235 -9.57 -7.12 14.46
N SER B 236 -8.52 -7.92 14.53
CA SER B 236 -8.62 -9.33 14.84
C SER B 236 -7.87 -9.68 16.14
N ALA B 237 -6.63 -9.20 16.28
CA ALA B 237 -5.75 -9.45 17.42
C ALA B 237 -6.08 -8.59 18.64
N PRO B 238 -5.79 -9.08 19.89
CA PRO B 238 -6.04 -8.23 21.07
C PRO B 238 -5.08 -7.03 21.19
N THR B 239 -5.44 -6.03 22.02
CA THR B 239 -4.60 -4.85 22.28
C THR B 239 -3.32 -5.27 22.98
N LEU B 240 -3.46 -6.23 23.95
CA LEU B 240 -2.40 -6.90 24.67
C LEU B 240 -2.54 -8.42 24.55
N VAL B 241 -1.46 -9.12 24.18
CA VAL B 241 -1.46 -10.59 24.18
C VAL B 241 -1.51 -11.04 25.66
N PRO B 242 -1.92 -12.28 25.98
CA PRO B 242 -1.91 -12.67 27.42
C PRO B 242 -0.48 -12.71 27.97
N GLN B 243 -0.33 -12.19 29.20
CA GLN B 243 0.95 -12.11 29.85
C GLN B 243 1.52 -13.45 30.26
N GLU B 244 2.80 -13.65 30.01
CA GLU B 244 3.51 -14.81 30.50
C GLU B 244 4.73 -14.30 31.30
N HIS B 245 5.00 -14.90 32.45
CA HIS B 245 6.20 -14.59 33.24
C HIS B 245 7.03 -15.83 33.26
N TYR B 246 8.31 -15.71 32.99
CA TYR B 246 9.22 -16.85 32.92
C TYR B 246 10.24 -16.85 34.07
N VAL B 247 10.81 -18.01 34.33
CA VAL B 247 11.84 -18.21 35.36
C VAL B 247 13.26 -17.91 34.77
N ARG B 248 13.46 -18.09 33.45
CA ARG B 248 14.71 -17.78 32.78
C ARG B 248 14.46 -16.82 31.62
N ILE B 249 15.54 -16.21 31.08
CA ILE B 249 15.45 -15.39 29.87
C ILE B 249 15.12 -16.37 28.74
N THR B 250 14.05 -16.07 28.01
CA THR B 250 13.52 -16.97 27.01
C THR B 250 13.75 -16.52 25.58
N GLY B 251 14.37 -17.39 24.79
CA GLY B 251 14.61 -17.15 23.36
C GLY B 251 15.51 -15.99 22.99
N LEU B 252 16.13 -15.39 24.01
CA LEU B 252 17.04 -14.29 23.83
C LEU B 252 18.41 -14.68 24.39
N TYR B 253 19.50 -14.29 23.68
CA TYR B 253 20.85 -14.66 24.09
C TYR B 253 21.67 -13.41 24.40
N PRO B 254 21.90 -13.18 25.73
CA PRO B 254 22.58 -11.97 26.16
C PRO B 254 24.10 -11.92 25.95
N THR B 255 24.57 -10.69 25.87
CA THR B 255 25.95 -10.39 25.59
C THR B 255 26.84 -10.68 26.75
N LEU B 256 28.07 -11.09 26.46
CA LEU B 256 29.04 -11.32 27.54
C LEU B 256 29.67 -9.98 27.96
N ASN B 257 29.88 -9.07 27.00
CA ASN B 257 30.46 -7.77 27.25
C ASN B 257 29.52 -6.70 26.78
N ILE B 258 29.19 -5.80 27.68
CA ILE B 258 28.34 -4.67 27.36
C ILE B 258 29.08 -3.38 27.69
N SER B 259 28.82 -2.38 26.89
CA SER B 259 29.39 -1.07 27.08
C SER B 259 28.79 -0.45 28.37
N ASP B 260 29.58 0.38 29.08
CA ASP B 260 29.14 1.08 30.30
C ASP B 260 28.06 2.15 30.06
N GLU B 261 27.79 2.49 28.78
CA GLU B 261 26.72 3.41 28.36
C GLU B 261 25.35 2.73 28.55
N PHE B 262 25.27 1.37 28.51
CA PHE B 262 24.01 0.62 28.69
C PHE B 262 23.95 -0.21 29.93
N SER B 263 24.99 -0.16 30.79
CA SER B 263 25.04 -0.97 31.99
C SER B 263 23.91 -0.67 32.95
N SER B 264 23.40 0.58 32.98
CA SER B 264 22.27 0.95 33.84
C SER B 264 20.96 0.24 33.52
N ASN B 265 20.87 -0.33 32.33
CA ASN B 265 19.66 -1.02 31.92
C ASN B 265 19.80 -2.53 31.89
N VAL B 266 20.95 -3.12 32.30
CA VAL B 266 21.14 -4.56 32.28
C VAL B 266 20.05 -5.32 33.05
N ALA B 267 19.65 -4.85 34.25
CA ALA B 267 18.62 -5.55 35.02
C ALA B 267 17.27 -5.49 34.30
N ASN B 268 16.96 -4.33 33.69
CA ASN B 268 15.72 -4.11 32.93
C ASN B 268 15.70 -4.93 31.61
N TYR B 269 16.83 -5.08 30.92
CA TYR B 269 16.93 -5.90 29.70
C TYR B 269 16.68 -7.35 30.03
N GLN B 270 17.10 -7.82 31.22
CA GLN B 270 16.88 -9.20 31.68
C GLN B 270 15.41 -9.42 31.98
N LYS B 271 14.76 -8.43 32.62
CA LYS B 271 13.32 -8.44 32.89
C LYS B 271 12.55 -8.56 31.55
N VAL B 272 13.04 -7.90 30.49
CA VAL B 272 12.46 -7.96 29.15
C VAL B 272 12.43 -9.44 28.63
N GLY B 273 13.50 -10.18 28.87
CA GLY B 273 13.61 -11.57 28.46
C GLY B 273 12.87 -12.54 29.36
N MET B 274 12.38 -12.08 30.53
CA MET B 274 11.69 -12.93 31.51
C MET B 274 10.16 -12.73 31.62
N GLN B 275 9.57 -12.07 30.63
CA GLN B 275 8.12 -11.94 30.51
C GLN B 275 7.74 -11.68 29.04
N LYS B 276 6.52 -12.09 28.63
CA LYS B 276 6.03 -11.96 27.26
C LYS B 276 6.01 -10.46 26.84
N TYR B 277 5.54 -9.61 27.72
CA TYR B 277 5.52 -8.18 27.44
C TYR B 277 5.87 -7.42 28.69
N SER B 278 6.55 -6.29 28.48
CA SER B 278 6.98 -5.42 29.56
C SER B 278 6.71 -3.95 29.23
N THR B 279 6.42 -3.17 30.25
CA THR B 279 6.13 -1.77 30.09
C THR B 279 7.24 -0.92 30.73
N LEU B 280 7.67 0.12 30.02
CA LEU B 280 8.70 1.01 30.50
C LEU B 280 8.17 2.46 30.59
N GLN B 281 8.11 3.00 31.79
CA GLN B 281 7.74 4.40 31.95
C GLN B 281 9.03 5.22 31.96
N GLY B 282 9.18 6.03 30.93
CA GLY B 282 10.32 6.90 30.80
C GLY B 282 9.94 8.36 30.80
N PRO B 283 9.98 9.03 31.97
CA PRO B 283 9.75 10.49 32.00
C PRO B 283 10.65 11.25 31.02
N PRO B 284 10.40 12.55 30.78
CA PRO B 284 11.23 13.30 29.83
C PRO B 284 12.74 13.22 30.13
N GLY B 285 13.53 12.99 29.10
CA GLY B 285 15.00 13.00 29.20
C GLY B 285 15.63 11.96 30.11
N THR B 286 14.97 10.80 30.31
CA THR B 286 15.45 9.70 31.16
C THR B 286 16.15 8.58 30.36
N GLY B 287 16.08 8.62 29.01
CA GLY B 287 16.79 7.67 28.15
C GLY B 287 15.98 6.57 27.50
N LYS B 288 14.74 6.86 27.08
CA LYS B 288 13.90 5.86 26.42
C LYS B 288 14.53 5.26 25.14
N SER B 289 15.01 6.12 24.21
CA SER B 289 15.55 5.59 22.94
C SER B 289 16.93 4.94 23.14
N HIS B 290 17.66 5.37 24.17
CA HIS B 290 18.92 4.76 24.56
C HIS B 290 18.63 3.33 25.11
N PHE B 291 17.54 3.19 25.89
CA PHE B 291 17.09 1.90 26.40
C PHE B 291 16.72 1.01 25.22
N ALA B 292 15.87 1.52 24.31
CA ALA B 292 15.40 0.79 23.15
C ALA B 292 16.56 0.27 22.30
N ILE B 293 17.57 1.12 21.98
CA ILE B 293 18.69 0.70 21.15
C ILE B 293 19.68 -0.22 21.93
N GLY B 294 19.85 0.05 23.21
CA GLY B 294 20.72 -0.75 24.07
C GLY B 294 20.24 -2.18 24.27
N LEU B 295 18.93 -2.40 24.10
CA LEU B 295 18.33 -3.71 24.17
C LEU B 295 18.88 -4.61 23.04
N ALA B 296 19.21 -4.01 21.86
CA ALA B 296 19.78 -4.72 20.72
C ALA B 296 21.25 -5.09 20.97
N LEU B 297 21.99 -4.23 21.67
CA LEU B 297 23.36 -4.51 22.03
C LEU B 297 23.42 -5.59 23.15
N TYR B 298 22.41 -5.60 24.03
CA TYR B 298 22.32 -6.59 25.08
C TYR B 298 21.92 -7.97 24.55
N TYR B 299 21.05 -8.06 23.54
CA TYR B 299 20.70 -9.35 22.92
C TYR B 299 21.15 -9.22 21.46
N PRO B 300 22.47 -9.37 21.19
CA PRO B 300 22.98 -9.01 19.87
C PRO B 300 22.58 -9.91 18.71
N SER B 301 22.03 -11.09 19.01
CA SER B 301 21.54 -12.05 18.01
C SER B 301 20.02 -11.84 17.69
N ALA B 302 19.29 -11.18 18.61
CA ALA B 302 17.86 -10.92 18.49
C ALA B 302 17.44 -10.01 17.35
N ARG B 303 16.45 -10.47 16.59
CA ARG B 303 15.83 -9.69 15.52
C ARG B 303 14.80 -8.76 16.19
N ILE B 304 15.04 -7.43 16.14
CA ILE B 304 14.15 -6.48 16.79
C ILE B 304 13.41 -5.62 15.80
N VAL B 305 12.09 -5.51 15.97
CA VAL B 305 11.29 -4.62 15.16
C VAL B 305 10.96 -3.44 16.07
N TYR B 306 11.37 -2.25 15.66
CA TYR B 306 11.12 -1.01 16.36
C TYR B 306 9.94 -0.37 15.65
N THR B 307 8.91 -0.02 16.41
CA THR B 307 7.68 0.53 15.88
C THR B 307 7.17 1.68 16.76
N ALA B 308 6.42 2.60 16.14
CA ALA B 308 5.78 3.77 16.80
C ALA B 308 4.64 4.27 15.87
N CYS B 309 3.75 5.14 16.35
CA CYS B 309 2.64 5.61 15.53
C CYS B 309 3.10 6.59 14.47
N SER B 310 4.00 7.52 14.85
CA SER B 310 4.48 8.55 13.95
C SER B 310 5.77 8.22 13.20
N HIS B 311 5.98 8.85 12.03
CA HIS B 311 7.22 8.71 11.29
C HIS B 311 8.36 9.34 12.09
N ALA B 312 8.09 10.45 12.83
CA ALA B 312 9.07 11.16 13.66
C ALA B 312 9.59 10.27 14.79
N ALA B 313 8.69 9.51 15.50
CA ALA B 313 9.14 8.64 16.56
C ALA B 313 10.00 7.50 16.02
N VAL B 314 9.63 6.95 14.83
CA VAL B 314 10.40 5.88 14.21
C VAL B 314 11.78 6.41 13.78
N ASP B 315 11.82 7.63 13.19
CA ASP B 315 13.04 8.30 12.74
C ASP B 315 13.97 8.60 13.91
N ALA B 316 13.44 9.04 15.07
CA ALA B 316 14.26 9.27 16.25
C ALA B 316 14.88 7.93 16.75
N LEU B 317 14.19 6.77 16.53
CA LEU B 317 14.77 5.47 16.88
C LEU B 317 15.87 5.06 15.85
N CYS B 318 15.65 5.40 14.58
CA CYS B 318 16.60 5.17 13.49
C CYS B 318 17.88 5.97 13.76
N GLU B 319 17.76 7.22 14.24
CA GLU B 319 18.87 8.11 14.55
C GLU B 319 19.73 7.58 15.67
N LYS B 320 19.12 6.96 16.69
CA LYS B 320 19.86 6.37 17.79
C LYS B 320 20.48 5.06 17.30
N ALA B 321 19.79 4.27 16.45
CA ALA B 321 20.35 3.02 15.90
C ALA B 321 21.52 3.26 14.93
N LEU B 322 21.50 4.40 14.25
CA LEU B 322 22.56 4.75 13.33
C LEU B 322 23.90 4.96 14.11
N LYS B 323 23.81 5.47 15.36
CA LYS B 323 24.87 5.77 16.32
C LYS B 323 25.40 4.51 17.12
N TYR B 324 24.64 3.38 17.15
CA TYR B 324 25.06 2.19 17.90
C TYR B 324 25.02 0.86 17.18
N LEU B 325 24.11 0.71 16.24
CA LEU B 325 23.89 -0.56 15.57
C LEU B 325 24.45 -0.59 14.15
N PRO B 326 24.88 -1.75 13.63
CA PRO B 326 25.41 -1.78 12.25
C PRO B 326 24.32 -1.39 11.24
N ILE B 327 24.64 -0.42 10.38
CA ILE B 327 23.74 0.10 9.34
C ILE B 327 23.28 -0.98 8.32
N ASP B 328 24.16 -1.94 8.01
CA ASP B 328 23.82 -3.02 7.07
C ASP B 328 22.78 -3.99 7.62
N LYS B 329 22.58 -3.99 8.96
CA LYS B 329 21.59 -4.81 9.68
C LYS B 329 20.29 -4.02 9.96
N CYS B 330 20.11 -2.80 9.42
CA CYS B 330 18.93 -1.96 9.63
C CYS B 330 18.15 -1.69 8.35
N SER B 331 16.82 -1.66 8.49
CA SER B 331 15.96 -1.33 7.38
C SER B 331 14.81 -0.43 7.81
N ARG B 332 14.62 0.68 7.10
CA ARG B 332 13.54 1.60 7.36
C ARG B 332 12.37 1.27 6.42
N ILE B 333 11.27 0.68 6.94
CA ILE B 333 10.10 0.31 6.12
C ILE B 333 9.30 1.57 5.84
N ILE B 334 9.16 1.91 4.56
CA ILE B 334 8.45 3.10 4.10
C ILE B 334 7.25 2.68 3.30
N PRO B 335 6.06 3.19 3.67
CA PRO B 335 4.85 2.85 2.87
C PRO B 335 4.92 3.50 1.47
N ALA B 336 4.47 2.79 0.42
CA ALA B 336 4.47 3.37 -0.93
C ALA B 336 3.40 4.48 -1.00
N VAL B 340 5.19 12.52 2.55
CA VAL B 340 5.91 12.47 3.83
C VAL B 340 7.36 11.98 3.70
N GLU B 341 8.32 12.83 4.11
CA GLU B 341 9.75 12.48 4.05
C GLU B 341 10.24 11.98 5.41
N CYS B 342 10.91 10.81 5.43
CA CYS B 342 11.39 10.25 6.68
C CYS B 342 12.90 9.83 6.60
N PHE B 343 13.37 8.89 7.43
CA PHE B 343 14.74 8.44 7.54
C PHE B 343 15.24 7.75 6.27
N ASP B 344 16.27 8.31 5.61
CA ASP B 344 16.76 7.74 4.36
C ASP B 344 18.18 7.17 4.45
N LYS B 345 18.64 6.83 5.66
CA LYS B 345 20.02 6.33 5.81
C LYS B 345 20.10 4.78 5.93
N PHE B 346 18.95 4.08 5.95
CA PHE B 346 18.95 2.61 6.02
C PHE B 346 18.48 2.02 4.69
N LYS B 347 18.77 0.72 4.43
CA LYS B 347 18.24 0.06 3.22
C LYS B 347 16.70 0.05 3.32
N VAL B 348 16.00 0.61 2.32
CA VAL B 348 14.54 0.77 2.38
C VAL B 348 13.76 -0.49 1.98
N ASN B 349 12.74 -0.83 2.80
CA ASN B 349 11.77 -1.92 2.63
C ASN B 349 12.34 -3.34 2.60
N SER B 350 13.47 -3.59 3.28
CA SER B 350 14.01 -4.95 3.36
C SER B 350 13.50 -5.56 4.66
N THR B 351 12.36 -6.26 4.59
CA THR B 351 11.65 -6.87 5.72
C THR B 351 12.50 -7.89 6.49
N LEU B 352 13.42 -8.58 5.81
CA LEU B 352 14.23 -9.62 6.44
C LEU B 352 15.43 -9.16 7.30
N GLU B 353 15.67 -7.84 7.37
CA GLU B 353 16.78 -7.27 8.15
C GLU B 353 16.66 -7.57 9.66
N GLN B 354 17.80 -7.65 10.39
CA GLN B 354 17.76 -7.91 11.82
C GLN B 354 17.05 -6.79 12.57
N TYR B 355 17.23 -5.54 12.14
CA TYR B 355 16.58 -4.40 12.76
C TYR B 355 15.65 -3.76 11.77
N VAL B 356 14.37 -3.75 12.10
CA VAL B 356 13.36 -3.20 11.21
C VAL B 356 12.68 -2.04 11.91
N PHE B 357 12.73 -0.88 11.31
CA PHE B 357 12.15 0.33 11.88
C PHE B 357 10.98 0.66 10.98
N CYS B 358 9.78 0.81 11.53
CA CYS B 358 8.61 1.01 10.73
C CYS B 358 7.45 1.53 11.58
N THR B 359 6.60 2.42 11.00
CA THR B 359 5.42 2.92 11.69
C THR B 359 4.36 1.78 11.80
N VAL B 360 3.48 1.88 12.80
CA VAL B 360 2.43 0.89 12.99
C VAL B 360 1.60 0.61 11.70
N ASN B 361 1.12 1.65 10.93
CA ASN B 361 0.29 1.36 9.74
C ASN B 361 1.03 0.73 8.58
N ALA B 362 2.36 0.83 8.57
CA ALA B 362 3.15 0.24 7.49
C ALA B 362 3.76 -1.13 7.80
N LEU B 363 3.55 -1.64 9.03
CA LEU B 363 4.12 -2.92 9.47
C LEU B 363 3.81 -4.08 8.57
N PRO B 364 4.83 -4.84 8.18
CA PRO B 364 4.57 -6.06 7.42
C PRO B 364 4.14 -7.22 8.34
N GLU B 365 3.65 -8.31 7.74
CA GLU B 365 3.25 -9.47 8.53
C GLU B 365 4.50 -10.27 8.68
N THR B 366 5.12 -10.19 9.87
CA THR B 366 6.39 -10.83 10.17
C THR B 366 6.51 -11.23 11.67
N THR B 367 7.55 -11.99 12.00
CA THR B 367 7.83 -12.35 13.37
C THR B 367 9.12 -11.64 13.84
N ALA B 368 9.35 -11.62 15.16
CA ALA B 368 10.55 -10.99 15.72
C ALA B 368 10.91 -11.61 17.07
N ASP B 369 12.19 -11.53 17.45
CA ASP B 369 12.62 -12.01 18.76
C ASP B 369 12.08 -10.95 19.77
N ILE B 370 12.22 -9.65 19.50
CA ILE B 370 11.61 -8.58 20.33
C ILE B 370 10.91 -7.56 19.43
N VAL B 371 9.84 -6.96 19.95
CA VAL B 371 9.15 -5.87 19.30
C VAL B 371 9.22 -4.72 20.31
N VAL B 372 9.71 -3.54 19.90
CA VAL B 372 9.77 -2.40 20.77
C VAL B 372 8.75 -1.38 20.22
N PHE B 373 7.72 -1.06 20.98
CA PHE B 373 6.70 -0.10 20.60
C PHE B 373 6.99 1.13 21.44
N ASP B 374 7.46 2.20 20.79
CA ASP B 374 7.79 3.46 21.46
C ASP B 374 6.65 4.50 21.40
N GLU B 375 6.73 5.51 22.27
CA GLU B 375 5.82 6.62 22.46
C GLU B 375 4.42 6.09 22.68
N ILE B 376 4.30 5.14 23.62
CA ILE B 376 3.09 4.38 23.92
C ILE B 376 1.93 5.27 24.37
N SER B 377 2.17 6.45 24.97
CA SER B 377 1.04 7.32 25.34
C SER B 377 0.27 7.79 24.07
N MET B 378 0.95 7.87 22.92
CA MET B 378 0.35 8.29 21.65
C MET B 378 -0.41 7.16 20.92
N ALA B 379 -0.26 5.91 21.36
CA ALA B 379 -0.96 4.79 20.73
C ALA B 379 -2.42 4.77 21.16
N THR B 380 -3.27 4.34 20.25
CA THR B 380 -4.68 4.08 20.51
C THR B 380 -4.77 2.55 20.64
N ASN B 381 -5.92 2.04 21.11
CA ASN B 381 -6.13 0.58 21.17
C ASN B 381 -6.16 -0.04 19.77
N TYR B 382 -6.54 0.76 18.75
CA TYR B 382 -6.52 0.35 17.35
C TYR B 382 -5.08 -0.04 16.97
N ASP B 383 -4.10 0.87 17.28
CA ASP B 383 -2.67 0.67 17.03
C ASP B 383 -2.15 -0.55 17.79
N LEU B 384 -2.50 -0.67 19.07
CA LEU B 384 -2.08 -1.81 19.92
C LEU B 384 -2.49 -3.13 19.27
N SER B 385 -3.71 -3.19 18.74
CA SER B 385 -4.28 -4.36 18.06
C SER B 385 -3.58 -4.66 16.73
N VAL B 386 -3.40 -3.62 15.89
CA VAL B 386 -2.69 -3.78 14.61
C VAL B 386 -1.29 -4.37 14.81
N VAL B 387 -0.53 -3.87 15.83
CA VAL B 387 0.80 -4.41 16.12
C VAL B 387 0.73 -5.92 16.44
N ASN B 388 -0.25 -6.34 17.24
CA ASN B 388 -0.36 -7.75 17.60
C ASN B 388 -0.78 -8.65 16.43
N ALA B 389 -1.48 -8.06 15.43
CA ALA B 389 -1.94 -8.75 14.21
C ALA B 389 -0.85 -8.88 13.19
N ARG B 390 -0.02 -7.85 13.06
CA ARG B 390 1.06 -7.86 12.09
C ARG B 390 2.33 -8.60 12.61
N LEU B 391 2.67 -8.45 13.93
CA LEU B 391 3.92 -8.98 14.52
C LEU B 391 3.76 -10.09 15.55
N ARG B 392 4.30 -11.29 15.28
CA ARG B 392 4.27 -12.38 16.24
C ARG B 392 5.68 -12.42 16.90
N ALA B 393 5.80 -11.96 18.15
CA ALA B 393 7.10 -11.87 18.81
C ALA B 393 7.26 -12.68 20.10
N LYS B 394 8.51 -13.06 20.43
CA LYS B 394 8.79 -13.73 21.70
C LYS B 394 8.57 -12.73 22.84
N HIS B 395 8.92 -11.43 22.62
CA HIS B 395 8.80 -10.38 23.62
C HIS B 395 8.37 -9.08 23.02
N TYR B 396 7.49 -8.38 23.72
CA TYR B 396 7.00 -7.08 23.30
C TYR B 396 7.39 -6.10 24.40
N VAL B 397 8.00 -4.96 24.06
CA VAL B 397 8.36 -3.93 25.03
C VAL B 397 7.64 -2.65 24.67
N TYR B 398 6.88 -2.07 25.60
CA TYR B 398 6.12 -0.87 25.39
C TYR B 398 6.76 0.22 26.15
N ILE B 399 7.33 1.17 25.43
CA ILE B 399 8.03 2.30 25.98
C ILE B 399 7.23 3.61 25.78
N GLY B 400 7.16 4.40 26.82
CA GLY B 400 6.47 5.66 26.76
C GLY B 400 6.31 6.24 28.12
N ASP B 401 5.33 7.12 28.27
CA ASP B 401 5.10 7.76 29.54
C ASP B 401 3.66 8.18 29.60
N PRO B 402 2.86 7.54 30.48
CA PRO B 402 1.43 7.93 30.57
C PRO B 402 1.24 9.34 31.13
N ALA B 403 2.28 9.98 31.69
CA ALA B 403 2.26 11.39 32.14
C ALA B 403 2.54 12.35 30.97
N GLN B 404 2.75 11.82 29.76
CA GLN B 404 2.89 12.67 28.59
C GLN B 404 1.58 12.64 27.74
N LEU B 405 1.58 13.34 26.63
CA LEU B 405 0.42 13.50 25.81
C LEU B 405 -0.04 12.24 25.03
N PRO B 406 -1.38 12.04 25.02
CA PRO B 406 -1.95 10.94 24.24
C PRO B 406 -2.25 11.39 22.80
N ALA B 407 -2.68 10.45 21.93
CA ALA B 407 -3.10 10.77 20.56
C ALA B 407 -4.30 11.71 20.64
N PRO B 408 -4.35 12.72 19.78
CA PRO B 408 -5.50 13.62 19.78
C PRO B 408 -6.80 12.85 19.49
N ARG B 409 -7.81 13.08 20.33
CA ARG B 409 -9.11 12.46 20.13
C ARG B 409 -9.94 13.56 19.55
N THR B 410 -9.95 13.69 18.21
CA THR B 410 -10.67 14.80 17.53
C THR B 410 -12.16 14.91 17.90
N LEU B 411 -12.85 13.80 18.19
CA LEU B 411 -14.28 13.86 18.53
C LEU B 411 -14.56 14.21 19.98
N LEU B 412 -13.60 13.99 20.89
CA LEU B 412 -13.81 14.26 22.32
C LEU B 412 -13.81 15.75 22.65
N THR B 413 -14.94 16.24 23.15
CA THR B 413 -15.06 17.65 23.51
C THR B 413 -15.53 17.83 24.94
N LYS B 414 -16.21 16.83 25.51
CA LYS B 414 -16.72 16.94 26.87
C LYS B 414 -16.04 15.96 27.81
N GLY B 415 -15.42 16.52 28.84
CA GLY B 415 -14.75 15.71 29.85
C GLY B 415 -13.28 15.53 29.55
N THR B 416 -12.51 15.25 30.58
CA THR B 416 -11.08 15.05 30.42
C THR B 416 -10.78 13.58 30.45
N LEU B 417 -9.99 13.13 29.48
CA LEU B 417 -9.55 11.75 29.36
C LEU B 417 -8.29 11.49 30.26
N GLU B 418 -8.43 10.69 31.31
CA GLU B 418 -7.32 10.39 32.21
C GLU B 418 -6.30 9.39 31.59
N PRO B 419 -4.99 9.48 31.98
CA PRO B 419 -3.95 8.57 31.45
C PRO B 419 -4.25 7.07 31.51
N GLU B 420 -4.98 6.61 32.55
CA GLU B 420 -5.36 5.18 32.62
C GLU B 420 -6.33 4.74 31.50
N TYR B 421 -6.85 5.69 30.72
CA TYR B 421 -7.79 5.41 29.65
C TYR B 421 -7.24 5.73 28.26
N PHE B 422 -5.92 6.05 28.12
CA PHE B 422 -5.32 6.37 26.82
C PHE B 422 -5.31 5.14 25.94
N ASN B 423 -4.89 4.01 26.50
CA ASN B 423 -4.85 2.71 25.82
C ASN B 423 -4.64 1.61 26.87
N SER B 424 -4.61 0.34 26.46
CA SER B 424 -4.47 -0.79 27.36
C SER B 424 -3.12 -0.78 28.08
N VAL B 425 -2.04 -0.34 27.41
CA VAL B 425 -0.72 -0.29 28.03
C VAL B 425 -0.72 0.77 29.12
N CYS B 426 -1.27 1.94 28.81
CA CYS B 426 -1.35 3.04 29.79
C CYS B 426 -2.25 2.70 30.95
N ARG B 427 -3.33 1.94 30.68
CA ARG B 427 -4.20 1.46 31.75
C ARG B 427 -3.38 0.59 32.72
N LEU B 428 -2.58 -0.35 32.19
CA LEU B 428 -1.69 -1.15 33.04
C LEU B 428 -0.69 -0.28 33.83
N MET B 429 0.05 0.65 33.18
CA MET B 429 1.02 1.51 33.88
C MET B 429 0.41 2.35 35.00
N LYS B 430 -0.85 2.73 34.86
CA LYS B 430 -1.53 3.53 35.87
C LYS B 430 -2.21 2.71 36.98
N THR B 431 -2.61 1.48 36.65
CA THR B 431 -3.32 0.63 37.61
C THR B 431 -2.32 -0.25 38.43
N ILE B 432 -1.57 -1.15 37.77
CA ILE B 432 -0.57 -2.01 38.40
C ILE B 432 0.85 -1.43 38.43
N GLY B 433 1.09 -0.32 37.71
CA GLY B 433 2.40 0.28 37.62
C GLY B 433 3.20 -0.25 36.45
N PRO B 434 4.20 0.52 35.99
CA PRO B 434 5.05 0.02 34.91
C PRO B 434 6.04 -1.02 35.42
N ASP B 435 6.44 -1.96 34.56
CA ASP B 435 7.42 -2.97 34.94
C ASP B 435 8.77 -2.34 35.16
N MET B 436 9.11 -1.31 34.32
CA MET B 436 10.38 -0.64 34.39
C MET B 436 10.19 0.86 34.39
N PHE B 437 11.04 1.55 35.12
CA PHE B 437 10.93 2.99 35.25
C PHE B 437 12.31 3.61 35.10
N LEU B 438 12.44 4.64 34.22
CA LEU B 438 13.70 5.38 34.08
C LEU B 438 13.61 6.56 35.02
N GLY B 439 14.26 6.41 36.19
CA GLY B 439 14.11 7.37 37.25
C GLY B 439 15.00 8.58 37.26
N THR B 440 15.94 8.71 36.30
CA THR B 440 16.82 9.91 36.34
C THR B 440 16.70 10.75 35.08
N CYS B 441 16.22 11.97 35.28
CA CYS B 441 16.07 12.92 34.21
C CYS B 441 17.41 13.61 33.98
N ARG B 442 18.01 13.41 32.81
CA ARG B 442 19.31 14.05 32.50
C ARG B 442 19.16 15.39 31.77
N ARG B 443 17.96 15.72 31.30
CA ARG B 443 17.75 16.91 30.52
C ARG B 443 17.56 18.19 31.32
N CYS B 444 16.66 18.17 32.28
CA CYS B 444 16.14 19.40 32.88
C CYS B 444 16.85 19.88 34.13
N PRO B 445 16.90 21.24 34.32
CA PRO B 445 17.38 21.77 35.61
C PRO B 445 16.51 21.23 36.76
N ALA B 446 17.11 21.01 37.94
CA ALA B 446 16.41 20.41 39.07
C ALA B 446 15.07 21.08 39.42
N GLU B 447 14.90 22.41 39.26
CA GLU B 447 13.61 23.09 39.53
C GLU B 447 12.43 22.41 38.78
N ILE B 448 12.65 22.12 37.47
CA ILE B 448 11.70 21.46 36.57
C ILE B 448 11.52 20.02 36.98
N VAL B 449 12.62 19.28 37.21
CA VAL B 449 12.54 17.87 37.61
C VAL B 449 11.73 17.70 38.90
N ASP B 450 11.99 18.55 39.91
CA ASP B 450 11.31 18.51 41.21
C ASP B 450 9.82 18.82 41.08
N THR B 451 9.46 19.78 40.20
CA THR B 451 8.07 20.18 39.94
C THR B 451 7.26 19.04 39.34
N VAL B 452 7.74 18.40 38.24
CA VAL B 452 7.04 17.34 37.55
C VAL B 452 7.09 16.03 38.35
N SER B 453 8.19 15.78 39.09
CA SER B 453 8.32 14.61 39.96
C SER B 453 7.16 14.59 40.97
N ALA B 454 6.85 15.75 41.59
CA ALA B 454 5.74 15.88 42.53
C ALA B 454 4.37 15.94 41.81
N LEU B 455 4.32 16.59 40.64
CA LEU B 455 3.09 16.73 39.88
C LEU B 455 2.54 15.43 39.32
N VAL B 456 3.36 14.66 38.58
CA VAL B 456 2.87 13.44 37.89
C VAL B 456 3.67 12.13 38.17
N TYR B 457 4.81 12.19 38.91
CA TYR B 457 5.62 10.97 39.09
C TYR B 457 5.74 10.47 40.52
N ASP B 458 4.79 10.81 41.43
CA ASP B 458 4.82 10.37 42.85
C ASP B 458 6.21 10.53 43.52
N ASN B 459 6.96 11.61 43.18
CA ASN B 459 8.26 11.95 43.76
C ASN B 459 9.35 10.91 43.49
N LYS B 460 9.22 10.17 42.38
CA LYS B 460 10.20 9.16 42.00
C LYS B 460 11.14 9.59 40.88
N LEU B 461 10.91 10.77 40.26
CA LEU B 461 11.79 11.23 39.20
C LEU B 461 12.90 12.04 39.87
N LYS B 462 14.15 11.70 39.60
CA LYS B 462 15.29 12.36 40.19
C LYS B 462 16.03 13.25 39.18
N ALA B 463 16.65 14.35 39.65
CA ALA B 463 17.37 15.24 38.74
C ALA B 463 18.82 14.84 38.65
N HIS B 464 19.36 14.76 37.45
CA HIS B 464 20.78 14.54 37.21
C HIS B 464 21.49 15.92 37.29
N LYS B 465 20.90 16.95 36.68
CA LYS B 465 21.45 18.30 36.75
C LYS B 465 21.12 18.94 38.09
N ASP B 466 21.90 19.96 38.44
CA ASP B 466 21.59 20.76 39.64
C ASP B 466 20.51 21.81 39.20
N LYS B 467 20.03 22.64 40.16
CA LYS B 467 19.14 23.74 39.85
C LYS B 467 19.94 24.73 38.97
N SER B 468 19.34 25.17 37.87
CA SER B 468 20.00 26.10 36.97
C SER B 468 19.93 27.56 37.46
N ALA B 469 18.98 27.86 38.37
CA ALA B 469 18.61 29.20 38.85
C ALA B 469 18.08 30.10 37.71
N GLN B 470 17.68 29.48 36.58
CA GLN B 470 17.12 30.13 35.41
C GLN B 470 15.68 29.64 35.15
N CYS B 471 14.91 29.32 36.20
CA CYS B 471 13.55 28.82 36.07
C CYS B 471 12.68 29.81 36.78
N PHE B 472 11.88 30.55 36.01
CA PHE B 472 11.05 31.62 36.50
C PHE B 472 9.57 31.42 36.23
N LYS B 473 8.76 32.00 37.10
CA LYS B 473 7.34 31.93 37.01
C LYS B 473 6.74 33.29 37.30
N MET B 474 5.69 33.64 36.59
N MET B 474 5.73 33.69 36.54
CA MET B 474 4.96 34.85 36.83
CA MET B 474 5.00 34.95 36.74
C MET B 474 3.51 34.52 36.83
C MET B 474 3.52 34.61 36.76
N PHE B 475 2.76 35.20 37.66
CA PHE B 475 1.33 34.97 37.71
C PHE B 475 0.67 36.19 37.06
N TYR B 476 0.22 36.03 35.79
CA TYR B 476 -0.35 37.16 35.07
C TYR B 476 -1.51 36.72 34.17
N LYS B 477 -2.75 36.97 34.58
CA LYS B 477 -3.91 36.51 33.81
C LYS B 477 -4.11 37.22 32.47
N GLY B 478 -3.67 38.46 32.34
CA GLY B 478 -3.74 39.21 31.09
C GLY B 478 -5.14 39.41 30.54
N VAL B 479 -5.29 39.25 29.21
CA VAL B 479 -6.55 39.40 28.50
C VAL B 479 -6.68 38.26 27.53
N ILE B 480 -7.79 37.53 27.61
CA ILE B 480 -8.01 36.41 26.72
C ILE B 480 -8.95 36.81 25.60
N THR B 481 -8.45 36.64 24.39
CA THR B 481 -9.23 36.83 23.21
C THR B 481 -9.34 35.48 22.53
N HIS B 482 -10.48 35.28 21.88
CA HIS B 482 -10.76 34.03 21.23
C HIS B 482 -11.04 34.28 19.78
N ASP B 483 -10.64 33.32 18.96
CA ASP B 483 -11.03 33.33 17.58
C ASP B 483 -11.91 32.06 17.35
N VAL B 484 -12.02 31.59 16.12
CA VAL B 484 -12.90 30.48 15.81
C VAL B 484 -12.57 29.17 16.57
N SER B 485 -11.28 28.82 16.79
CA SER B 485 -10.94 27.57 17.49
C SER B 485 -9.68 27.62 18.40
N SER B 486 -9.26 28.84 18.82
CA SER B 486 -8.08 28.98 19.64
C SER B 486 -8.20 30.21 20.60
N ALA B 487 -7.21 30.41 21.47
CA ALA B 487 -7.11 31.55 22.37
C ALA B 487 -5.78 32.30 22.12
N ILE B 488 -5.80 33.56 22.47
CA ILE B 488 -4.68 34.48 22.37
C ILE B 488 -4.69 35.30 23.71
N ASN B 489 -3.50 35.58 24.26
CA ASN B 489 -3.33 36.43 25.42
C ASN B 489 -2.20 37.42 25.08
N ARG B 490 -2.55 38.54 24.42
CA ARG B 490 -1.56 39.55 24.03
C ARG B 490 -0.81 40.11 25.26
N PRO B 491 -1.45 40.48 26.39
CA PRO B 491 -0.68 40.92 27.58
C PRO B 491 0.39 39.92 28.09
N GLN B 492 0.14 38.59 28.01
CA GLN B 492 1.16 37.62 28.39
C GLN B 492 2.35 37.65 27.43
N ILE B 493 2.11 37.88 26.12
CA ILE B 493 3.17 38.05 25.12
C ILE B 493 3.88 39.40 25.35
N GLY B 494 3.18 40.41 25.86
CA GLY B 494 3.75 41.70 26.20
C GLY B 494 4.68 41.60 27.40
N VAL B 495 4.31 40.79 28.38
CA VAL B 495 5.14 40.52 29.55
C VAL B 495 6.45 39.82 29.08
N VAL B 496 6.36 38.90 28.08
CA VAL B 496 7.51 38.18 27.52
C VAL B 496 8.42 39.12 26.78
N ARG B 497 7.85 40.06 26.01
CA ARG B 497 8.58 41.09 25.26
C ARG B 497 9.43 41.93 26.26
N GLU B 498 8.81 42.41 27.36
CA GLU B 498 9.44 43.18 28.45
C GLU B 498 10.54 42.37 29.14
N PHE B 499 10.34 41.05 29.29
CA PHE B 499 11.34 40.18 29.88
C PHE B 499 12.53 40.00 28.95
N LEU B 500 12.30 39.79 27.63
CA LEU B 500 13.32 39.58 26.61
C LEU B 500 14.26 40.77 26.48
N THR B 501 13.74 41.99 26.64
CA THR B 501 14.56 43.21 26.59
C THR B 501 15.55 43.25 27.77
N ARG B 502 15.13 42.72 28.92
CA ARG B 502 15.94 42.68 30.12
C ARG B 502 16.77 41.38 30.28
N ASN B 503 16.57 40.38 29.39
CA ASN B 503 17.22 39.07 29.45
C ASN B 503 17.55 38.62 28.03
N PRO B 504 18.50 39.31 27.36
CA PRO B 504 18.80 39.00 25.97
C PRO B 504 19.36 37.60 25.71
N ALA B 505 19.94 36.90 26.71
CA ALA B 505 20.37 35.50 26.51
C ALA B 505 19.16 34.63 26.10
N TRP B 506 17.95 34.99 26.57
CA TRP B 506 16.68 34.33 26.27
C TRP B 506 16.18 34.56 24.85
N ARG B 507 16.86 35.37 24.02
CA ARG B 507 16.47 35.54 22.63
C ARG B 507 16.63 34.23 21.84
N LYS B 508 17.41 33.27 22.33
CA LYS B 508 17.52 31.94 21.70
C LYS B 508 16.38 30.97 22.20
N ALA B 509 15.44 31.46 23.02
CA ALA B 509 14.37 30.63 23.56
C ALA B 509 13.34 30.23 22.52
N VAL B 510 12.70 29.07 22.77
CA VAL B 510 11.58 28.61 21.99
C VAL B 510 10.35 29.04 22.73
N PHE B 511 9.37 29.62 22.03
CA PHE B 511 8.09 30.05 22.60
C PHE B 511 7.10 28.85 22.56
N ILE B 512 6.55 28.51 23.71
CA ILE B 512 5.59 27.43 23.81
C ILE B 512 4.31 27.94 24.47
N SER B 513 3.17 27.50 23.94
CA SER B 513 1.86 27.78 24.51
C SER B 513 0.90 26.63 24.13
N PRO B 514 -0.25 26.52 24.79
CA PRO B 514 -1.20 25.46 24.40
C PRO B 514 -2.07 25.81 23.17
N TYR B 515 -1.84 26.96 22.50
CA TYR B 515 -2.67 27.41 21.39
C TYR B 515 -1.89 27.86 20.19
N ASN B 516 -2.25 27.38 19.01
CA ASN B 516 -1.58 27.78 17.78
C ASN B 516 -1.81 29.32 17.48
N SER B 517 -2.97 29.90 17.88
CA SER B 517 -3.21 31.34 17.68
C SER B 517 -2.36 32.18 18.57
N GLN B 518 -2.13 31.76 19.83
CA GLN B 518 -1.22 32.47 20.73
C GLN B 518 0.22 32.45 20.13
N ASN B 519 0.63 31.29 19.59
CA ASN B 519 1.91 31.09 18.95
C ASN B 519 2.10 31.96 17.71
N ALA B 520 1.06 32.09 16.88
CA ALA B 520 1.12 32.88 15.67
C ALA B 520 1.33 34.37 15.99
N VAL B 521 0.67 34.85 17.08
CA VAL B 521 0.82 36.23 17.55
C VAL B 521 2.25 36.44 18.15
N ALA B 522 2.70 35.48 19.00
CA ALA B 522 4.00 35.54 19.64
C ALA B 522 5.13 35.51 18.61
N SER B 523 4.97 34.76 17.51
CA SER B 523 5.98 34.66 16.47
C SER B 523 6.21 36.02 15.76
N LYS B 524 5.15 36.78 15.58
CA LYS B 524 5.20 38.08 14.93
C LYS B 524 5.72 39.16 15.92
N ILE B 525 5.23 39.17 17.18
CA ILE B 525 5.64 40.14 18.20
C ILE B 525 7.04 39.90 18.77
N LEU B 526 7.43 38.63 18.99
CA LEU B 526 8.69 38.29 19.61
C LEU B 526 9.74 37.79 18.63
N GLY B 527 9.32 37.17 17.55
CA GLY B 527 10.27 36.61 16.60
C GLY B 527 10.90 35.31 17.05
N LEU B 528 10.51 34.79 18.23
CA LEU B 528 11.01 33.52 18.72
C LEU B 528 10.37 32.41 17.92
N PRO B 529 11.11 31.30 17.68
CA PRO B 529 10.48 30.10 17.08
C PRO B 529 9.39 29.59 18.04
N THR B 530 8.27 29.11 17.51
CA THR B 530 7.15 28.69 18.37
C THR B 530 6.82 27.23 18.19
N GLN B 531 6.24 26.63 19.23
CA GLN B 531 5.72 25.26 19.24
C GLN B 531 4.56 25.21 20.17
N THR B 532 3.55 24.45 19.81
CA THR B 532 2.46 24.17 20.73
C THR B 532 3.04 23.13 21.68
N VAL B 533 2.43 22.95 22.85
CA VAL B 533 2.89 21.91 23.77
C VAL B 533 2.88 20.53 23.10
N ASP B 534 1.79 20.26 22.36
CA ASP B 534 1.59 18.98 21.68
C ASP B 534 2.67 18.70 20.63
N SER B 535 3.05 19.71 19.85
CA SER B 535 4.11 19.52 18.84
C SER B 535 5.54 19.56 19.42
N SER B 536 5.70 20.09 20.65
CA SER B 536 7.01 20.12 21.29
C SER B 536 7.39 18.76 21.89
N GLN B 537 6.42 17.85 22.14
CA GLN B 537 6.65 16.53 22.73
C GLN B 537 7.76 15.76 21.98
N GLY B 538 8.74 15.28 22.74
CA GLY B 538 9.89 14.56 22.18
C GLY B 538 11.08 15.42 21.81
N SER B 539 10.92 16.78 21.82
CA SER B 539 11.93 17.79 21.48
C SER B 539 12.51 18.47 22.73
N GLU B 540 13.73 19.04 22.61
CA GLU B 540 14.33 19.76 23.74
C GLU B 540 15.05 20.99 23.27
N TYR B 541 15.02 22.02 24.12
CA TYR B 541 15.59 23.32 23.84
C TYR B 541 16.27 23.84 25.12
N ASP B 542 17.34 24.67 24.99
CA ASP B 542 18.02 25.23 26.18
C ASP B 542 17.07 26.11 26.94
N TYR B 543 16.37 27.00 26.24
CA TYR B 543 15.45 27.92 26.88
C TYR B 543 14.09 27.82 26.29
N VAL B 544 13.10 27.90 27.17
CA VAL B 544 11.70 27.79 26.82
C VAL B 544 10.97 28.93 27.48
N ILE B 545 10.09 29.59 26.72
CA ILE B 545 9.19 30.61 27.29
C ILE B 545 7.80 30.10 27.07
N PHE B 546 7.09 29.87 28.14
CA PHE B 546 5.76 29.31 28.08
C PHE B 546 4.72 30.30 28.55
N THR B 547 3.74 30.63 27.67
CA THR B 547 2.61 31.43 28.17
C THR B 547 1.41 30.45 28.28
N GLN B 548 0.81 30.35 29.46
CA GLN B 548 -0.34 29.47 29.64
C GLN B 548 -1.56 29.87 28.80
N THR B 549 -1.65 31.18 28.45
CA THR B 549 -2.71 31.84 27.63
C THR B 549 -4.07 31.95 28.37
N THR B 550 -4.64 30.83 28.80
CA THR B 550 -5.95 30.77 29.49
C THR B 550 -5.82 29.82 30.72
N GLU B 551 -6.87 29.75 31.57
CA GLU B 551 -6.89 28.75 32.64
C GLU B 551 -8.02 27.77 32.42
N THR B 552 -8.09 27.21 31.22
CA THR B 552 -9.09 26.20 30.86
C THR B 552 -8.64 24.76 31.27
N ALA B 553 -9.50 23.74 31.08
CA ALA B 553 -9.12 22.36 31.27
C ALA B 553 -7.96 21.98 30.31
N HIS B 554 -7.97 22.54 29.08
CA HIS B 554 -6.93 22.31 28.06
C HIS B 554 -5.54 22.83 28.52
N SER B 555 -5.48 24.08 28.97
CA SER B 555 -4.23 24.70 29.35
C SER B 555 -3.76 24.30 30.77
N CYS B 556 -4.66 23.70 31.60
CA CYS B 556 -4.30 23.19 32.93
C CYS B 556 -4.07 21.69 32.96
N ASN B 557 -4.12 21.01 31.80
CA ASN B 557 -3.98 19.57 31.76
C ASN B 557 -2.59 19.21 32.27
N VAL B 558 -2.50 18.41 33.39
CA VAL B 558 -1.20 18.16 33.99
C VAL B 558 -0.26 17.44 33.03
N ASN B 559 -0.75 16.60 32.08
CA ASN B 559 0.16 15.94 31.12
C ASN B 559 0.75 16.93 30.14
N ARG B 560 -0.08 17.89 29.68
CA ARG B 560 0.37 18.91 28.75
C ARG B 560 1.33 19.84 29.52
N PHE B 561 1.00 20.20 30.76
CA PHE B 561 1.86 21.06 31.58
C PHE B 561 3.25 20.44 31.80
N ASN B 562 3.27 19.12 32.11
CA ASN B 562 4.44 18.27 32.27
C ASN B 562 5.28 18.33 30.98
N VAL B 563 4.68 18.11 29.79
CA VAL B 563 5.42 18.13 28.54
C VAL B 563 5.95 19.55 28.30
N ALA B 564 5.13 20.57 28.54
CA ALA B 564 5.53 21.94 28.32
C ALA B 564 6.82 22.33 29.08
N ILE B 565 6.89 22.14 30.40
CA ILE B 565 8.03 22.59 31.17
C ILE B 565 9.26 21.69 31.07
N THR B 566 9.08 20.41 30.65
CA THR B 566 10.20 19.47 30.52
C THR B 566 10.90 19.50 29.14
N ARG B 567 10.62 20.53 28.31
CA ARG B 567 11.32 20.71 27.04
C ARG B 567 12.69 21.41 27.27
N ALA B 568 12.82 22.16 28.38
CA ALA B 568 13.95 22.99 28.78
C ALA B 568 15.15 22.24 29.39
N LYS B 569 16.32 22.46 28.79
CA LYS B 569 17.59 21.92 29.23
C LYS B 569 18.26 22.89 30.24
N VAL B 570 18.08 24.21 30.07
CA VAL B 570 18.72 25.22 30.91
C VAL B 570 17.76 26.12 31.69
N GLY B 571 16.89 26.84 30.98
CA GLY B 571 16.00 27.77 31.64
C GLY B 571 14.58 27.73 31.10
N ILE B 572 13.65 28.18 31.93
CA ILE B 572 12.25 28.28 31.56
C ILE B 572 11.65 29.50 32.19
N LEU B 573 10.82 30.22 31.43
CA LEU B 573 10.02 31.32 31.92
C LEU B 573 8.55 30.83 31.75
N CYS B 574 7.77 30.78 32.82
CA CYS B 574 6.38 30.37 32.76
C CYS B 574 5.47 31.52 33.12
N ILE B 575 4.67 32.06 32.16
CA ILE B 575 3.69 33.13 32.46
C ILE B 575 2.40 32.36 32.62
N MET B 576 1.93 32.28 33.86
CA MET B 576 0.79 31.48 34.29
C MET B 576 -0.52 32.24 34.48
N SER B 577 -1.60 31.56 34.14
CA SER B 577 -2.97 32.02 34.32
C SER B 577 -3.59 31.35 35.55
N ASP B 578 -3.25 30.06 35.77
CA ASP B 578 -3.83 29.22 36.81
C ASP B 578 -3.02 29.30 38.08
N ARG B 579 -3.68 29.67 39.19
CA ARG B 579 -3.04 29.78 40.50
C ARG B 579 -2.50 28.45 41.01
N ASP B 580 -3.24 27.36 40.83
CA ASP B 580 -2.89 26.00 41.21
C ASP B 580 -1.52 25.60 40.59
N LEU B 581 -1.42 25.52 39.26
CA LEU B 581 -0.17 25.15 38.60
C LEU B 581 0.93 26.18 38.87
N TYR B 582 0.61 27.48 39.05
CA TYR B 582 1.62 28.48 39.34
C TYR B 582 2.27 28.15 40.72
N ASP B 583 1.42 27.80 41.72
CA ASP B 583 1.87 27.46 43.08
C ASP B 583 2.68 26.15 43.12
N LYS B 584 2.41 25.23 42.17
CA LYS B 584 3.13 23.97 42.04
C LYS B 584 4.50 24.14 41.37
N LEU B 585 4.70 25.21 40.56
CA LEU B 585 6.00 25.44 39.93
C LEU B 585 7.04 25.82 41.03
N GLN B 586 8.15 25.03 41.11
CA GLN B 586 9.23 25.26 42.07
C GLN B 586 10.28 26.14 41.41
N PHE B 587 9.82 27.33 41.00
CA PHE B 587 10.55 28.33 40.23
C PHE B 587 10.61 29.60 41.03
N THR B 588 11.56 30.45 40.67
CA THR B 588 11.71 31.77 41.24
C THR B 588 10.57 32.62 40.68
N SER B 589 9.80 33.29 41.54
CA SER B 589 8.75 34.15 41.07
C SER B 589 9.28 35.51 40.66
N LEU B 590 8.75 36.04 39.56
CA LEU B 590 9.09 37.38 39.09
C LEU B 590 7.86 38.27 39.34
N GLU B 591 8.07 39.56 39.65
CA GLU B 591 6.96 40.48 39.89
C GLU B 591 6.47 41.12 38.56
N ILE B 592 5.24 41.67 38.54
CA ILE B 592 4.68 42.29 37.33
C ILE B 592 5.04 43.77 37.24
N PRO B 593 5.54 44.23 36.09
CA PRO B 593 5.85 45.66 35.95
C PRO B 593 4.62 46.52 35.68
ZN ZN C . 45.34 -15.73 0.20
ZN ZN D . 25.51 -17.83 -9.21
ZN ZN E . 20.58 -28.32 -3.69
P PO4 F . -14.51 -10.75 -24.64
O1 PO4 F . -14.11 -12.22 -24.87
O2 PO4 F . -13.61 -9.83 -25.58
O3 PO4 F . -16.06 -10.58 -25.01
O4 PO4 F . -14.33 -10.26 -23.12
P PO4 G . -10.19 -9.34 -26.62
O1 PO4 G . -10.76 -8.96 -28.06
O2 PO4 G . -10.11 -10.86 -26.55
O3 PO4 G . -8.70 -8.76 -26.48
O4 PO4 G . -11.09 -8.75 -25.43
C10 EJQ H . 14.34 39.40 36.10
C13 EJQ H . 17.07 38.54 36.89
C15 EJQ H . 15.42 37.23 35.77
C01 EJQ H . 11.16 40.99 33.48
C02 EJQ H . 10.04 41.40 32.78
C03 EJQ H . 8.85 41.42 33.41
C04 EJQ H . 8.71 41.11 34.74
C05 EJQ H . 9.83 40.73 35.45
C06 EJQ H . 11.07 40.68 34.82
C08 EJQ H . 13.47 40.25 35.20
C12 EJQ H . 16.68 39.10 35.52
C14 EJQ H . 16.14 37.35 37.08
F16 EJQ H . 7.74 41.81 32.71
N07 EJQ H . 12.20 40.31 35.59
N11 EJQ H . 15.31 38.63 35.33
O09 EJQ H . 13.93 40.76 34.18
ZN ZN I . -26.15 -1.84 15.83
ZN ZN J . -23.71 -13.53 20.52
ZN ZN K . -43.58 -4.44 2.94
P PO4 L . 14.48 10.27 26.00
O1 PO4 L . 14.51 9.27 24.74
O2 PO4 L . 13.52 11.53 25.82
O3 PO4 L . 15.94 10.77 26.22
O4 PO4 L . 13.94 9.55 27.31
P PO4 M . 10.46 13.05 26.05
O1 PO4 M . 10.45 12.49 24.56
O2 PO4 M . 9.44 14.20 26.27
O3 PO4 M . 11.92 13.57 26.46
O4 PO4 M . 9.99 11.87 27.01
#